data_4LV9
#
_entry.id   4LV9
#
_cell.length_a   60.943
_cell.length_b   106.529
_cell.length_c   83.082
_cell.angle_alpha   90.00
_cell.angle_beta   96.36
_cell.angle_gamma   90.00
#
_symmetry.space_group_name_H-M   'P 1 21 1'
#
loop_
_entity.id
_entity.type
_entity.pdbx_description
1 polymer 'Nicotinamide phosphoribosyltransferase'
2 non-polymer '7-chloro-3-methyl-2H-1,2,4-benzothiadiazine 1,1-dioxide'
3 non-polymer 'PHOSPHATE ION'
4 non-polymer 1,2-ETHANEDIOL
5 water water
#
_entity_poly.entity_id   1
_entity_poly.type   'polypeptide(L)'
_entity_poly.pdbx_seq_one_letter_code
;MNPAAEAEFNILLATDSYKVTHYKQYPPNTSKVYSYFECREKKTENSKLRKVKYEETVFYGLQYILNKYLKGKVVTKEKI
QEAKDVYKEHFQDDVFNEKGWNYILEKYDGHLPIEIKAVPEGFVIPRGNVLFTVENTDPECYWLTNWIETILVQSWYPIT
VATNSREQKKILAKYLLETSGNLDGLEYKLHDFGYRGVSSQETAGIGASAHLVNFKGTDTVAGLALIKKYYGTKDPVPGY
SVPAAEHSTITAWGKDHEKDAFEHIVTQFSSVPVSVVSDSYDIYNACEKIWGEDLRHLIVSRSTQAPLIIRPDSGNPLDT
VLKVLEILGKKFPVTENSKGYKLLPPYLRVIQGDGVDINTLQEIVEGMKQKMWSIENIAFGSGGGLLQKLTRDLLNCSFK
CSYVVTNGLGINVFKDPVADPNKRSKKGRLSLHRTPAGNFVTLEEGKGDLEEYGQDLLHTVFKNGKVTKSYSFDEIRKNA
QLNIELEAAHHLEHHHHHHHH
;
_entity_poly.pdbx_strand_id   A,B
#
loop_
_chem_comp.id
_chem_comp.type
_chem_comp.name
_chem_comp.formula
20J non-polymer '7-chloro-3-methyl-2H-1,2,4-benzothiadiazine 1,1-dioxide' 'C8 H7 Cl N2 O2 S'
EDO non-polymer 1,2-ETHANEDIOL 'C2 H6 O2'
PO4 non-polymer 'PHOSPHATE ION' 'O4 P -3'
#
# COMPACT_ATOMS: atom_id res chain seq x y z
N GLU A 8 17.51 13.71 -0.36
CA GLU A 8 16.74 14.31 -1.44
C GLU A 8 16.37 13.29 -2.52
N PHE A 9 15.12 13.35 -2.99
CA PHE A 9 14.63 12.47 -4.04
C PHE A 9 15.45 12.60 -5.32
N ASN A 10 15.78 11.46 -5.92
CA ASN A 10 16.60 11.40 -7.14
C ASN A 10 15.89 10.58 -8.22
N ILE A 11 15.38 11.27 -9.25
CA ILE A 11 14.62 10.60 -10.32
C ILE A 11 15.39 9.52 -11.07
N LEU A 12 16.72 9.62 -11.06
CA LEU A 12 17.57 8.63 -11.71
C LEU A 12 17.57 7.33 -10.92
N LEU A 13 17.13 7.41 -9.66
CA LEU A 13 17.05 6.23 -8.80
C LEU A 13 15.60 5.81 -8.57
N ALA A 14 14.67 6.40 -9.31
CA ALA A 14 13.26 6.11 -9.05
C ALA A 14 12.60 5.42 -10.24
N THR A 15 13.24 4.36 -10.72
CA THR A 15 12.70 3.59 -11.82
C THR A 15 13.00 2.12 -11.51
N ASP A 16 12.33 1.20 -12.20
CA ASP A 16 12.68 -0.22 -12.07
C ASP A 16 14.10 -0.38 -12.59
N SER A 17 14.91 -1.16 -11.87
CA SER A 17 16.32 -1.38 -12.24
C SER A 17 16.53 -1.65 -13.72
N TYR A 18 15.77 -2.58 -14.28
CA TYR A 18 16.01 -3.00 -15.67
C TYR A 18 15.90 -1.89 -16.72
N LYS A 19 15.12 -0.85 -16.41
CA LYS A 19 14.98 0.26 -17.35
C LYS A 19 16.29 1.03 -17.52
N VAL A 20 17.19 0.90 -16.56
CA VAL A 20 18.54 1.48 -16.69
C VAL A 20 19.26 0.94 -17.93
N THR A 21 18.90 -0.27 -18.33
CA THR A 21 19.55 -0.96 -19.46
C THR A 21 18.81 -0.79 -20.78
N HIS A 22 17.66 -0.12 -20.76
CA HIS A 22 16.83 -0.10 -21.97
C HIS A 22 17.31 0.77 -23.12
N TYR A 23 18.12 1.77 -22.83
CA TYR A 23 18.70 2.62 -23.87
C TYR A 23 19.60 1.84 -24.83
N LYS A 24 19.98 0.61 -24.44
CA LYS A 24 20.81 -0.26 -25.28
C LYS A 24 19.97 -1.24 -26.08
N GLN A 25 18.66 -1.21 -25.89
CA GLN A 25 17.77 -2.28 -26.40
C GLN A 25 16.80 -1.82 -27.49
N TYR A 26 16.46 -0.55 -27.50
CA TYR A 26 15.57 0.01 -28.51
C TYR A 26 16.23 -0.07 -29.88
N PRO A 27 15.42 -0.07 -30.94
CA PRO A 27 16.00 -0.04 -32.29
C PRO A 27 16.92 1.17 -32.45
N PRO A 28 18.11 0.95 -33.01
CA PRO A 28 18.96 2.10 -33.38
C PRO A 28 18.24 3.05 -34.31
N ASN A 29 18.60 4.34 -34.22
CA ASN A 29 18.00 5.39 -35.04
C ASN A 29 16.55 5.68 -34.66
N THR A 30 16.21 5.46 -33.39
CA THR A 30 14.87 5.80 -32.89
C THR A 30 14.86 7.21 -32.31
N SER A 31 13.93 8.04 -32.79
CA SER A 31 13.89 9.44 -32.35
C SER A 31 12.71 9.72 -31.41
N LYS A 32 11.74 8.81 -31.41
CA LYS A 32 10.50 9.03 -30.68
C LYS A 32 9.97 7.73 -30.06
N VAL A 33 9.69 7.77 -28.76
CA VAL A 33 8.96 6.69 -28.10
C VAL A 33 7.74 7.32 -27.46
N TYR A 34 6.56 6.85 -27.86
CA TYR A 34 5.29 7.41 -27.42
C TYR A 34 4.55 6.31 -26.71
N SER A 35 4.10 6.59 -25.49
CA SER A 35 3.46 5.57 -24.64
C SER A 35 2.18 6.12 -24.01
N TYR A 36 1.32 5.23 -23.51
CA TYR A 36 0.01 5.64 -23.02
C TYR A 36 -0.40 4.82 -21.81
N PHE A 37 -1.35 5.34 -21.04
CA PHE A 37 -1.84 4.67 -19.82
C PHE A 37 -3.34 4.45 -19.98
N GLU A 38 -3.78 3.26 -19.63
CA GLU A 38 -5.22 2.96 -19.65
C GLU A 38 -5.54 2.06 -18.47
N CYS A 39 -6.82 1.99 -18.12
CA CYS A 39 -7.31 0.97 -17.20
C CYS A 39 -7.93 -0.09 -18.08
N ARG A 40 -7.12 -1.09 -18.42
CA ARG A 40 -7.45 -2.00 -19.51
C ARG A 40 -8.75 -2.76 -19.25
N GLU A 41 -9.55 -2.90 -20.30
CA GLU A 41 -10.81 -3.63 -20.25
C GLU A 41 -10.60 -5.09 -19.85
N LYS A 42 -11.57 -5.63 -19.11
CA LYS A 42 -11.58 -7.01 -18.65
C LYS A 42 -10.36 -7.38 -17.81
N LYS A 53 -18.33 -5.17 -12.92
CA LYS A 53 -18.08 -4.14 -11.91
C LYS A 53 -16.84 -3.32 -12.26
N TYR A 54 -16.80 -2.08 -11.76
CA TYR A 54 -15.76 -1.12 -12.11
C TYR A 54 -15.70 -0.83 -13.61
N GLU A 55 -16.85 -0.53 -14.22
CA GLU A 55 -16.89 -0.22 -15.65
C GLU A 55 -16.33 1.17 -15.99
N GLU A 56 -16.26 2.06 -15.00
CA GLU A 56 -15.71 3.39 -15.25
C GLU A 56 -14.75 3.80 -14.13
N THR A 57 -13.77 4.63 -14.45
CA THR A 57 -12.75 4.98 -13.46
C THR A 57 -12.65 6.50 -13.30
N VAL A 58 -12.39 6.95 -12.07
CA VAL A 58 -12.12 8.35 -11.80
C VAL A 58 -10.64 8.65 -12.04
N PHE A 59 -10.33 9.59 -12.92
CA PHE A 59 -8.91 9.91 -13.16
C PHE A 59 -8.46 10.96 -12.16
N TYR A 60 -7.60 10.56 -11.24
CA TYR A 60 -7.12 11.48 -10.22
C TYR A 60 -5.72 11.08 -9.74
N GLY A 61 -4.86 12.06 -9.51
CA GLY A 61 -3.59 11.79 -8.85
C GLY A 61 -2.34 12.15 -9.63
N LEU A 62 -2.48 12.28 -10.95
CA LEU A 62 -1.34 12.61 -11.78
C LEU A 62 -0.66 13.94 -11.40
N GLN A 63 -1.46 14.94 -11.02
CA GLN A 63 -0.96 16.29 -10.76
C GLN A 63 -0.04 16.26 -9.54
N TYR A 64 -0.39 15.42 -8.56
CA TYR A 64 0.48 15.19 -7.43
C TYR A 64 1.87 14.74 -7.89
N ILE A 65 1.91 13.70 -8.72
CA ILE A 65 3.16 13.14 -9.21
C ILE A 65 3.93 14.15 -10.03
N LEU A 66 3.25 14.85 -10.93
CA LEU A 66 3.94 15.83 -11.79
C LEU A 66 4.66 16.90 -10.96
N ASN A 67 3.95 17.42 -9.96
CA ASN A 67 4.50 18.49 -9.13
C ASN A 67 5.57 18.04 -8.15
N LYS A 68 5.31 16.93 -7.46
CA LYS A 68 6.25 16.47 -6.43
C LYS A 68 7.53 15.88 -7.03
N TYR A 69 7.41 15.19 -8.16
CA TYR A 69 8.51 14.35 -8.67
C TYR A 69 9.10 14.76 -10.01
N LEU A 70 8.28 15.29 -10.91
CA LEU A 70 8.76 15.45 -12.29
C LEU A 70 9.13 16.85 -12.72
N LYS A 71 8.57 17.87 -12.08
CA LYS A 71 8.75 19.23 -12.58
C LYS A 71 10.09 19.87 -12.17
N GLY A 72 10.52 20.85 -12.96
CA GLY A 72 11.68 21.66 -12.62
C GLY A 72 13.00 20.97 -12.87
N LYS A 73 14.04 21.43 -12.17
CA LYS A 73 15.38 20.88 -12.37
C LYS A 73 15.52 19.60 -11.55
N VAL A 74 15.33 18.46 -12.21
CA VAL A 74 15.34 17.17 -11.51
C VAL A 74 16.65 16.42 -11.72
N VAL A 75 17.51 16.96 -12.59
CA VAL A 75 18.82 16.37 -12.85
C VAL A 75 19.91 17.33 -12.39
N THR A 76 20.89 16.80 -11.65
CA THR A 76 22.08 17.56 -11.29
C THR A 76 23.31 16.68 -11.44
N LYS A 77 24.49 17.31 -11.42
CA LYS A 77 25.74 16.56 -11.51
C LYS A 77 25.84 15.57 -10.36
N GLU A 78 25.46 16.01 -9.18
CA GLU A 78 25.56 15.16 -8.00
C GLU A 78 24.62 13.97 -8.09
N LYS A 79 23.44 14.17 -8.68
CA LYS A 79 22.48 13.09 -8.79
C LYS A 79 22.90 12.06 -9.82
N ILE A 80 23.60 12.51 -10.85
CA ILE A 80 24.08 11.61 -11.89
C ILE A 80 25.20 10.74 -11.33
N GLN A 81 26.09 11.35 -10.55
CA GLN A 81 27.20 10.61 -9.97
C GLN A 81 26.70 9.57 -8.97
N GLU A 82 25.73 9.98 -8.15
CA GLU A 82 25.20 9.07 -7.15
C GLU A 82 24.57 7.86 -7.80
N ALA A 83 23.75 8.10 -8.82
CA ALA A 83 23.15 7.01 -9.59
C ALA A 83 24.22 6.10 -10.20
N LYS A 84 25.23 6.70 -10.82
CA LYS A 84 26.31 5.93 -11.42
C LYS A 84 26.95 5.00 -10.40
N ASP A 85 27.23 5.53 -9.21
CA ASP A 85 27.83 4.75 -8.13
C ASP A 85 26.94 3.59 -7.64
N VAL A 86 25.64 3.88 -7.47
CA VAL A 86 24.71 2.85 -7.02
C VAL A 86 24.57 1.73 -8.06
N TYR A 87 24.42 2.12 -9.33
CA TYR A 87 24.15 1.12 -10.38
C TYR A 87 25.35 0.21 -10.67
N LYS A 88 26.55 0.76 -10.53
CA LYS A 88 27.79 -0.01 -10.62
C LYS A 88 27.75 -1.23 -9.67
N GLU A 89 27.31 -1.02 -8.44
CA GLU A 89 27.26 -2.11 -7.47
C GLU A 89 26.01 -2.97 -7.66
N HIS A 90 24.90 -2.33 -7.99
CA HIS A 90 23.62 -3.01 -8.13
C HIS A 90 23.64 -4.04 -9.27
N PHE A 91 24.32 -3.69 -10.37
CA PHE A 91 24.40 -4.57 -11.55
C PHE A 91 25.73 -5.33 -11.61
N GLN A 92 26.69 -4.95 -10.78
CA GLN A 92 28.05 -5.49 -10.87
C GLN A 92 28.55 -5.30 -12.29
N ASP A 93 28.27 -4.12 -12.85
CA ASP A 93 28.57 -3.81 -14.24
C ASP A 93 28.28 -2.34 -14.51
N ASP A 94 28.92 -1.80 -15.54
CA ASP A 94 28.93 -0.36 -15.77
C ASP A 94 27.75 0.21 -16.57
N VAL A 95 26.75 -0.61 -16.89
CA VAL A 95 25.60 -0.13 -17.67
C VAL A 95 24.92 1.05 -16.98
N PHE A 96 24.84 2.17 -17.67
CA PHE A 96 24.21 3.38 -17.15
C PHE A 96 24.42 4.50 -18.14
N ASN A 97 23.32 5.06 -18.61
CA ASN A 97 23.35 6.09 -19.64
C ASN A 97 23.75 7.44 -19.07
N GLU A 98 25.00 7.54 -18.64
CA GLU A 98 25.53 8.78 -18.11
C GLU A 98 25.45 9.90 -19.14
N LYS A 99 25.81 9.60 -20.38
CA LYS A 99 25.78 10.62 -21.44
C LYS A 99 24.36 11.15 -21.69
N GLY A 100 23.39 10.25 -21.74
CA GLY A 100 21.99 10.64 -21.88
C GLY A 100 21.52 11.60 -20.80
N TRP A 101 21.88 11.30 -19.56
CA TRP A 101 21.48 12.16 -18.46
C TRP A 101 22.26 13.48 -18.45
N ASN A 102 23.53 13.44 -18.81
CA ASN A 102 24.31 14.66 -19.00
C ASN A 102 23.71 15.63 -20.02
N TYR A 103 23.24 15.08 -21.13
CA TYR A 103 22.58 15.86 -22.17
C TYR A 103 21.38 16.65 -21.63
N ILE A 104 20.53 16.00 -20.85
CA ILE A 104 19.38 16.69 -20.26
C ILE A 104 19.85 17.82 -19.34
N LEU A 105 20.85 17.55 -18.51
CA LEU A 105 21.42 18.56 -17.64
C LEU A 105 22.00 19.76 -18.40
N GLU A 106 22.82 19.49 -19.42
CA GLU A 106 23.49 20.56 -20.15
C GLU A 106 22.56 21.35 -21.06
N LYS A 107 21.64 20.66 -21.72
CA LYS A 107 20.83 21.29 -22.75
C LYS A 107 19.56 21.92 -22.20
N TYR A 108 19.02 21.38 -21.12
CA TYR A 108 17.71 21.80 -20.63
C TYR A 108 17.75 22.16 -19.15
N ASP A 109 18.95 22.45 -18.63
CA ASP A 109 19.11 22.79 -17.22
C ASP A 109 18.42 21.75 -16.32
N GLY A 110 18.57 20.48 -16.68
CA GLY A 110 18.04 19.39 -15.88
C GLY A 110 16.53 19.23 -15.88
N HIS A 111 15.84 19.87 -16.82
CA HIS A 111 14.38 19.72 -16.97
C HIS A 111 14.08 18.61 -17.96
N LEU A 112 13.06 17.80 -17.68
CA LEU A 112 12.75 16.66 -18.54
C LEU A 112 12.10 17.07 -19.87
N PRO A 113 12.71 16.70 -20.99
CA PRO A 113 12.16 16.97 -22.32
C PRO A 113 11.08 15.95 -22.68
N ILE A 114 9.94 16.09 -22.02
CA ILE A 114 8.83 15.15 -22.08
C ILE A 114 7.55 15.94 -22.22
N GLU A 115 6.60 15.41 -23.00
CA GLU A 115 5.27 16.00 -23.04
C GLU A 115 4.25 14.98 -22.59
N ILE A 116 3.39 15.39 -21.65
CA ILE A 116 2.33 14.52 -21.13
C ILE A 116 0.98 15.17 -21.38
N LYS A 117 0.08 14.45 -22.03
CA LYS A 117 -1.28 14.91 -22.28
C LYS A 117 -2.21 14.01 -21.49
N ALA A 118 -3.21 14.60 -20.84
CA ALA A 118 -4.08 13.84 -19.96
C ALA A 118 -5.53 14.34 -20.01
N VAL A 119 -6.45 13.43 -19.74
CA VAL A 119 -7.86 13.78 -19.51
C VAL A 119 -7.91 14.59 -18.21
N PRO A 120 -8.85 15.55 -18.09
CA PRO A 120 -8.87 16.35 -16.87
C PRO A 120 -9.12 15.54 -15.61
N GLU A 121 -8.48 15.92 -14.51
CA GLU A 121 -8.62 15.18 -13.27
C GLU A 121 -10.06 15.28 -12.78
N GLY A 122 -10.58 14.16 -12.29
CA GLY A 122 -11.95 14.09 -11.83
C GLY A 122 -12.84 13.41 -12.85
N PHE A 123 -12.41 13.43 -14.12
CA PHE A 123 -13.19 12.83 -15.19
C PHE A 123 -13.48 11.35 -14.94
N VAL A 124 -14.72 10.94 -15.24
CA VAL A 124 -15.14 9.56 -15.08
C VAL A 124 -15.19 8.92 -16.46
N ILE A 125 -14.31 7.94 -16.69
CA ILE A 125 -14.10 7.39 -18.03
C ILE A 125 -14.23 5.88 -18.02
N PRO A 126 -14.98 5.34 -18.99
CA PRO A 126 -15.12 3.88 -19.09
C PRO A 126 -13.78 3.18 -19.25
N ARG A 127 -13.71 1.93 -18.82
CA ARG A 127 -12.50 1.13 -18.97
C ARG A 127 -12.07 1.06 -20.43
N GLY A 128 -10.77 0.89 -20.63
CA GLY A 128 -10.23 0.64 -21.96
C GLY A 128 -10.06 1.89 -22.79
N ASN A 129 -10.01 3.05 -22.13
CA ASN A 129 -9.74 4.30 -22.83
C ASN A 129 -8.36 4.88 -22.46
N VAL A 130 -7.75 5.62 -23.38
CA VAL A 130 -6.51 6.33 -23.06
C VAL A 130 -6.79 7.42 -22.02
N LEU A 131 -5.98 7.47 -20.97
CA LEU A 131 -6.15 8.47 -19.90
C LEU A 131 -5.03 9.50 -19.93
N PHE A 132 -3.83 9.04 -20.23
CA PHE A 132 -2.74 9.96 -20.51
C PHE A 132 -1.70 9.35 -21.44
N THR A 133 -0.96 10.22 -22.14
CA THR A 133 0.09 9.78 -23.05
C THR A 133 1.36 10.51 -22.69
N VAL A 134 2.49 9.90 -23.07
CA VAL A 134 3.82 10.39 -22.71
C VAL A 134 4.72 10.24 -23.92
N GLU A 135 5.49 11.29 -24.22
CA GLU A 135 6.43 11.22 -25.33
C GLU A 135 7.63 12.16 -25.11
N ASN A 136 8.77 11.82 -25.70
CA ASN A 136 9.93 12.71 -25.61
C ASN A 136 9.82 13.86 -26.61
N THR A 137 10.34 15.04 -26.24
CA THR A 137 10.25 16.20 -27.12
C THR A 137 11.60 16.48 -27.78
N ASP A 138 12.60 15.71 -27.41
CA ASP A 138 13.92 15.80 -28.04
C ASP A 138 14.29 14.38 -28.45
N PRO A 139 14.72 14.21 -29.72
CA PRO A 139 15.06 12.88 -30.24
C PRO A 139 16.17 12.15 -29.47
N GLU A 140 17.09 12.90 -28.86
CA GLU A 140 18.11 12.30 -28.01
C GLU A 140 17.50 11.57 -26.82
N CYS A 141 16.32 11.98 -26.41
CA CYS A 141 15.73 11.46 -25.17
C CYS A 141 14.62 10.45 -25.41
N TYR A 142 14.76 9.64 -26.46
CA TYR A 142 13.80 8.60 -26.78
C TYR A 142 13.67 7.60 -25.63
N TRP A 143 14.76 7.36 -24.91
CA TRP A 143 14.80 6.42 -23.80
C TRP A 143 14.07 6.92 -22.54
N LEU A 144 13.76 8.22 -22.49
CA LEU A 144 13.23 8.83 -21.27
C LEU A 144 11.73 8.59 -21.03
N THR A 145 10.99 8.40 -22.13
CA THR A 145 9.55 8.17 -22.05
C THR A 145 9.22 7.02 -21.12
N ASN A 146 9.91 5.90 -21.30
CA ASN A 146 9.64 4.74 -20.46
C ASN A 146 10.47 4.64 -19.19
N TRP A 147 11.52 5.44 -19.07
CA TRP A 147 12.23 5.56 -17.80
C TRP A 147 11.22 5.91 -16.70
N ILE A 148 10.37 6.88 -17.01
CA ILE A 148 9.40 7.39 -16.04
C ILE A 148 8.10 6.59 -15.98
N GLU A 149 8.05 5.44 -16.64
CA GLU A 149 6.87 4.57 -16.53
C GLU A 149 6.54 4.24 -15.07
N THR A 150 7.58 3.82 -14.35
CA THR A 150 7.42 3.33 -12.98
C THR A 150 6.76 4.37 -12.08
N ILE A 151 7.28 5.59 -12.11
CA ILE A 151 6.72 6.64 -11.26
C ILE A 151 5.30 7.04 -11.71
N LEU A 152 5.07 7.12 -13.01
CA LEU A 152 3.76 7.51 -13.54
C LEU A 152 2.68 6.46 -13.27
N VAL A 153 3.07 5.19 -13.34
CA VAL A 153 2.12 4.09 -13.18
C VAL A 153 1.61 4.00 -11.74
N GLN A 154 2.35 4.56 -10.80
CA GLN A 154 1.87 4.60 -9.43
C GLN A 154 0.58 5.43 -9.27
N SER A 155 0.19 6.13 -10.34
CA SER A 155 -1.09 6.84 -10.36
C SER A 155 -2.27 5.86 -10.26
N TRP A 156 -2.01 4.56 -10.44
CA TRP A 156 -3.03 3.52 -10.30
C TRP A 156 -3.67 3.62 -8.93
N TYR A 157 -2.88 4.02 -7.95
CA TYR A 157 -3.34 4.00 -6.57
C TYR A 157 -4.41 5.08 -6.28
N PRO A 158 -4.11 6.38 -6.50
CA PRO A 158 -5.20 7.34 -6.31
C PRO A 158 -6.35 7.13 -7.29
N ILE A 159 -6.08 6.65 -8.50
CA ILE A 159 -7.19 6.33 -9.40
C ILE A 159 -8.11 5.27 -8.81
N THR A 160 -7.53 4.21 -8.28
CA THR A 160 -8.28 3.06 -7.79
C THR A 160 -8.96 3.38 -6.47
N VAL A 161 -8.29 4.14 -5.62
CA VAL A 161 -8.95 4.56 -4.36
C VAL A 161 -10.15 5.44 -4.69
N ALA A 162 -9.96 6.43 -5.55
CA ALA A 162 -11.06 7.33 -5.91
C ALA A 162 -12.22 6.58 -6.57
N THR A 163 -11.88 5.62 -7.42
CA THR A 163 -12.89 4.83 -8.14
C THR A 163 -13.69 3.93 -7.20
N ASN A 164 -12.98 3.21 -6.35
CA ASN A 164 -13.62 2.30 -5.39
C ASN A 164 -14.45 3.06 -4.37
N SER A 165 -13.95 4.22 -3.94
CA SER A 165 -14.70 5.10 -3.05
C SER A 165 -15.99 5.59 -3.74
N ARG A 166 -15.88 5.97 -5.01
CA ARG A 166 -17.04 6.43 -5.76
C ARG A 166 -18.09 5.32 -5.95
N GLU A 167 -17.63 4.11 -6.19
CA GLU A 167 -18.57 2.99 -6.33
C GLU A 167 -19.34 2.74 -5.03
N GLN A 168 -18.68 2.96 -3.90
CA GLN A 168 -19.36 2.82 -2.62
C GLN A 168 -20.35 3.95 -2.40
N LYS A 169 -20.01 5.13 -2.89
CA LYS A 169 -20.96 6.25 -2.83
C LYS A 169 -22.21 5.94 -3.65
N LYS A 170 -22.03 5.27 -4.80
CA LYS A 170 -23.17 4.87 -5.64
C LYS A 170 -24.12 3.97 -4.89
N ILE A 171 -23.56 3.03 -4.14
CA ILE A 171 -24.35 2.06 -3.40
C ILE A 171 -25.10 2.78 -2.28
N LEU A 172 -24.40 3.64 -1.56
CA LEU A 172 -25.01 4.40 -0.47
C LEU A 172 -26.14 5.28 -0.98
N ALA A 173 -25.89 5.93 -2.11
CA ALA A 173 -26.87 6.87 -2.66
C ALA A 173 -28.16 6.15 -3.05
N LYS A 174 -28.01 5.02 -3.72
CA LYS A 174 -29.16 4.23 -4.15
C LYS A 174 -30.04 3.85 -2.97
N TYR A 175 -29.43 3.29 -1.93
CA TYR A 175 -30.16 2.87 -0.75
C TYR A 175 -30.65 4.01 0.14
N LEU A 176 -29.89 5.09 0.24
CA LEU A 176 -30.37 6.26 0.98
C LEU A 176 -31.59 6.86 0.28
N LEU A 177 -31.54 6.94 -1.05
CA LEU A 177 -32.66 7.51 -1.81
C LEU A 177 -33.91 6.64 -1.65
N GLU A 178 -33.71 5.34 -1.78
CA GLU A 178 -34.81 4.37 -1.66
C GLU A 178 -35.48 4.41 -0.28
N THR A 179 -34.68 4.45 0.77
CA THR A 179 -35.24 4.36 2.13
C THR A 179 -35.63 5.70 2.74
N SER A 180 -35.20 6.81 2.15
CA SER A 180 -35.47 8.12 2.76
C SER A 180 -36.04 9.17 1.81
N GLY A 181 -35.90 8.97 0.51
CA GLY A 181 -36.42 9.90 -0.48
C GLY A 181 -35.48 11.04 -0.85
N ASN A 182 -34.28 11.05 -0.28
CA ASN A 182 -33.31 12.09 -0.61
C ASN A 182 -31.87 11.65 -0.34
N LEU A 183 -30.93 12.55 -0.56
CA LEU A 183 -29.52 12.22 -0.43
C LEU A 183 -28.81 13.04 0.66
N ASP A 184 -29.59 13.62 1.57
CA ASP A 184 -29.03 14.46 2.61
C ASP A 184 -27.94 13.74 3.40
N GLY A 185 -26.76 14.37 3.46
CA GLY A 185 -25.68 13.82 4.25
C GLY A 185 -24.93 12.68 3.59
N LEU A 186 -25.23 12.40 2.31
CA LEU A 186 -24.53 11.33 1.58
C LEU A 186 -23.00 11.44 1.68
N GLU A 187 -22.49 12.67 1.64
CA GLU A 187 -21.05 12.88 1.60
C GLU A 187 -20.35 12.61 2.95
N TYR A 188 -21.12 12.24 3.96
CA TYR A 188 -20.56 11.89 5.28
C TYR A 188 -20.88 10.45 5.68
N LYS A 189 -21.33 9.65 4.72
CA LYS A 189 -21.77 8.28 5.01
C LYS A 189 -20.65 7.23 4.98
N LEU A 190 -19.50 7.59 4.44
CA LEU A 190 -18.33 6.71 4.44
C LEU A 190 -17.08 7.47 4.93
N HIS A 191 -16.67 7.20 6.16
CA HIS A 191 -15.51 7.85 6.79
C HIS A 191 -14.23 7.02 6.59
N ASP A 192 -13.12 7.70 6.31
CA ASP A 192 -11.82 7.06 6.12
C ASP A 192 -11.15 6.85 7.49
N PHE A 193 -10.99 5.57 7.85
CA PHE A 193 -10.34 5.16 9.09
C PHE A 193 -9.00 4.48 8.80
N GLY A 194 -8.45 4.69 7.60
CA GLY A 194 -7.38 3.84 7.11
C GLY A 194 -5.94 4.20 7.42
N TYR A 195 -5.72 5.27 8.18
CA TYR A 195 -4.36 5.74 8.45
C TYR A 195 -3.43 4.64 8.97
N ARG A 196 -3.87 3.88 9.97
CA ARG A 196 -2.97 2.88 10.56
C ARG A 196 -2.83 1.65 9.66
N GLY A 197 -3.76 1.48 8.73
CA GLY A 197 -3.87 0.27 7.91
C GLY A 197 -3.21 0.35 6.54
N VAL A 198 -2.58 1.49 6.22
CA VAL A 198 -1.86 1.61 4.95
C VAL A 198 -0.36 1.38 5.14
N SER A 199 0.35 1.26 4.03
CA SER A 199 1.74 0.82 4.05
C SER A 199 2.76 1.90 4.42
N SER A 200 2.38 3.17 4.33
CA SER A 200 3.32 4.25 4.66
C SER A 200 2.64 5.60 4.90
N GLN A 201 3.40 6.54 5.44
CA GLN A 201 2.91 7.91 5.57
C GLN A 201 2.54 8.51 4.21
N GLU A 202 3.36 8.31 3.18
CA GLU A 202 3.06 8.92 1.88
C GLU A 202 1.77 8.33 1.29
N THR A 203 1.62 7.02 1.38
CA THR A 203 0.41 6.36 0.91
C THR A 203 -0.82 6.90 1.63
N ALA A 204 -0.69 7.09 2.94
CA ALA A 204 -1.79 7.61 3.75
C ALA A 204 -2.34 8.91 3.19
N GLY A 205 -1.45 9.86 2.89
CA GLY A 205 -1.85 11.13 2.32
C GLY A 205 -2.50 11.00 0.96
N ILE A 206 -1.88 10.22 0.07
CA ILE A 206 -2.42 10.07 -1.28
C ILE A 206 -3.79 9.41 -1.25
N GLY A 207 -3.90 8.31 -0.52
CA GLY A 207 -5.15 7.57 -0.43
C GLY A 207 -6.28 8.39 0.19
N ALA A 208 -5.99 9.05 1.29
CA ALA A 208 -6.99 9.88 1.95
C ALA A 208 -7.49 10.97 1.01
N SER A 209 -6.59 11.55 0.22
CA SER A 209 -6.97 12.61 -0.72
C SER A 209 -7.90 12.06 -1.81
N ALA A 210 -7.65 10.83 -2.23
CA ALA A 210 -8.49 10.23 -3.27
C ALA A 210 -9.89 9.93 -2.76
N HIS A 211 -9.99 9.48 -1.50
CA HIS A 211 -11.31 9.32 -0.89
C HIS A 211 -12.10 10.63 -0.81
N LEU A 212 -11.40 11.73 -0.54
CA LEU A 212 -12.06 13.04 -0.38
C LEU A 212 -12.55 13.62 -1.71
N VAL A 213 -12.22 12.97 -2.83
CA VAL A 213 -12.84 13.30 -4.10
C VAL A 213 -14.36 13.06 -3.98
N ASN A 214 -14.73 12.07 -3.18
CA ASN A 214 -16.13 11.62 -3.08
C ASN A 214 -16.85 11.92 -1.76
N PHE A 215 -16.10 11.99 -0.67
CA PHE A 215 -16.70 12.20 0.64
C PHE A 215 -15.97 13.29 1.40
N LYS A 216 -16.49 13.68 2.57
CA LYS A 216 -15.89 14.75 3.37
C LYS A 216 -15.38 14.30 4.74
N GLY A 217 -15.64 13.06 5.13
CA GLY A 217 -15.22 12.56 6.43
C GLY A 217 -13.95 11.72 6.40
N THR A 218 -12.93 12.16 7.16
CA THR A 218 -11.66 11.45 7.22
C THR A 218 -10.96 11.64 8.54
N ASP A 219 -10.34 10.57 9.05
CA ASP A 219 -9.43 10.67 10.17
C ASP A 219 -7.98 10.64 9.71
N THR A 220 -7.79 10.45 8.40
CA THR A 220 -6.42 10.36 7.88
C THR A 220 -5.94 11.76 7.56
N VAL A 221 -5.44 12.42 8.59
CA VAL A 221 -5.06 13.84 8.58
C VAL A 221 -4.09 14.22 7.45
N ALA A 222 -3.23 13.27 7.08
CA ALA A 222 -2.21 13.49 6.03
C ALA A 222 -2.80 13.95 4.69
N GLY A 223 -4.04 13.55 4.42
CA GLY A 223 -4.69 13.94 3.17
C GLY A 223 -4.95 15.42 3.04
N LEU A 224 -5.18 16.09 4.17
CA LEU A 224 -5.52 17.51 4.11
C LEU A 224 -4.36 18.31 3.53
N ALA A 225 -3.15 18.06 4.03
CA ALA A 225 -2.01 18.88 3.62
C ALA A 225 -1.66 18.64 2.16
N LEU A 226 -1.86 17.41 1.71
CA LEU A 226 -1.60 17.07 0.31
C LEU A 226 -2.51 17.89 -0.61
N ILE A 227 -3.81 17.87 -0.35
CA ILE A 227 -4.76 18.62 -1.19
C ILE A 227 -4.45 20.12 -1.22
N LYS A 228 -4.14 20.70 -0.06
CA LYS A 228 -3.82 22.11 0.03
C LYS A 228 -2.56 22.47 -0.79
N LYS A 229 -1.55 21.63 -0.70
CA LYS A 229 -0.29 21.91 -1.42
C LYS A 229 -0.39 21.71 -2.95
N TYR A 230 -1.07 20.66 -3.39
CA TYR A 230 -1.00 20.25 -4.80
C TYR A 230 -2.25 20.55 -5.62
N TYR A 231 -3.38 20.75 -4.96
CA TYR A 231 -4.63 20.98 -5.67
C TYR A 231 -5.35 22.26 -5.23
N GLY A 232 -5.61 22.37 -3.94
CA GLY A 232 -6.26 23.54 -3.37
C GLY A 232 -7.79 23.48 -3.34
N THR A 233 -8.36 23.98 -2.24
CA THR A 233 -9.81 24.14 -2.13
C THR A 233 -10.16 25.55 -1.68
N LYS A 234 -11.37 26.00 -2.01
CA LYS A 234 -11.83 27.30 -1.52
C LYS A 234 -12.06 27.28 0.00
N ASP A 235 -12.64 26.19 0.51
CA ASP A 235 -12.79 26.03 1.95
C ASP A 235 -11.42 25.80 2.59
N PRO A 236 -11.29 26.17 3.89
CA PRO A 236 -10.04 25.98 4.62
C PRO A 236 -9.51 24.55 4.55
N VAL A 237 -10.38 23.56 4.75
CA VAL A 237 -9.97 22.16 4.65
C VAL A 237 -10.96 21.33 3.83
N PRO A 238 -10.46 20.27 3.17
CA PRO A 238 -11.32 19.41 2.36
C PRO A 238 -12.07 18.32 3.15
N GLY A 239 -11.68 18.06 4.39
CA GLY A 239 -12.27 16.97 5.14
C GLY A 239 -12.38 17.22 6.61
N TYR A 240 -13.27 16.47 7.28
CA TYR A 240 -13.62 16.78 8.66
C TYR A 240 -13.73 15.52 9.51
N SER A 241 -13.71 15.71 10.82
CA SER A 241 -13.93 14.61 11.76
C SER A 241 -14.69 15.10 13.00
N VAL A 242 -14.99 14.18 13.92
CA VAL A 242 -15.70 14.49 15.17
C VAL A 242 -15.01 13.79 16.32
N PRO A 243 -15.20 14.29 17.56
CA PRO A 243 -14.61 13.55 18.69
C PRO A 243 -15.14 12.12 18.76
N ALA A 244 -14.27 11.18 19.12
CA ALA A 244 -14.62 9.77 19.16
C ALA A 244 -13.69 9.03 20.12
N ALA A 245 -14.23 8.01 20.78
CA ALA A 245 -13.45 7.17 21.67
C ALA A 245 -12.76 6.04 20.93
N GLU A 246 -11.74 5.46 21.57
CA GLU A 246 -11.18 4.21 21.10
C GLU A 246 -11.22 3.21 22.25
N HIS A 247 -10.82 1.98 22.00
CA HIS A 247 -10.85 1.01 23.09
C HIS A 247 -10.02 1.43 24.30
N SER A 248 -8.88 2.08 24.06
CA SER A 248 -8.06 2.53 25.19
C SER A 248 -8.76 3.52 26.12
N THR A 249 -9.54 4.46 25.56
CA THR A 249 -10.17 5.49 26.41
C THR A 249 -11.37 4.96 27.19
N ILE A 250 -11.90 3.81 26.75
CA ILE A 250 -12.97 3.15 27.48
C ILE A 250 -12.38 2.17 28.50
N THR A 251 -11.52 1.27 28.02
CA THR A 251 -10.97 0.23 28.88
C THR A 251 -10.07 0.75 30.00
N ALA A 252 -9.41 1.90 29.79
CA ALA A 252 -8.59 2.50 30.85
C ALA A 252 -9.34 2.73 32.17
N TRP A 253 -10.67 2.82 32.13
CA TRP A 253 -11.48 3.07 33.31
C TRP A 253 -11.66 1.83 34.18
N GLY A 254 -11.31 0.68 33.63
CA GLY A 254 -11.50 -0.58 34.32
C GLY A 254 -12.72 -1.32 33.81
N LYS A 255 -12.66 -2.64 33.86
CA LYS A 255 -13.74 -3.50 33.37
C LYS A 255 -15.11 -3.22 34.02
N ASP A 256 -15.11 -2.80 35.28
CA ASP A 256 -16.37 -2.57 35.99
C ASP A 256 -16.89 -1.15 35.82
N HIS A 257 -16.19 -0.34 35.02
CA HIS A 257 -16.53 1.07 34.96
C HIS A 257 -16.80 1.60 33.55
N GLU A 258 -17.29 0.73 32.67
CA GLU A 258 -17.62 1.14 31.31
C GLU A 258 -18.60 2.30 31.29
N LYS A 259 -19.62 2.21 32.14
CA LYS A 259 -20.64 3.26 32.23
C LYS A 259 -20.04 4.61 32.61
N ASP A 260 -19.11 4.58 33.57
CA ASP A 260 -18.38 5.79 33.96
C ASP A 260 -17.62 6.41 32.78
N ALA A 261 -16.96 5.55 32.00
CA ALA A 261 -16.26 6.02 30.81
C ALA A 261 -17.24 6.68 29.84
N PHE A 262 -18.35 6.00 29.55
CA PHE A 262 -19.36 6.51 28.61
C PHE A 262 -19.87 7.86 29.09
N GLU A 263 -20.22 7.93 30.37
CA GLU A 263 -20.80 9.17 30.91
C GLU A 263 -19.84 10.34 30.82
N HIS A 264 -18.61 10.09 31.23
CA HIS A 264 -17.54 11.09 31.14
C HIS A 264 -17.35 11.61 29.73
N ILE A 265 -17.25 10.68 28.77
CA ILE A 265 -17.00 11.05 27.38
C ILE A 265 -18.15 11.85 26.76
N VAL A 266 -19.38 11.38 26.91
CA VAL A 266 -20.50 12.08 26.28
C VAL A 266 -20.71 13.45 26.92
N THR A 267 -20.31 13.58 28.18
CA THR A 267 -20.51 14.84 28.89
C THR A 267 -19.42 15.85 28.50
N GLN A 268 -18.21 15.37 28.29
CA GLN A 268 -17.12 16.20 27.76
C GLN A 268 -17.50 16.77 26.41
N PHE A 269 -18.15 15.96 25.60
CA PHE A 269 -18.48 16.35 24.24
C PHE A 269 -20.00 16.44 24.09
N SER A 270 -20.61 17.35 24.85
CA SER A 270 -22.08 17.41 24.98
C SER A 270 -22.76 18.20 23.86
N SER A 271 -22.01 19.05 23.17
CA SER A 271 -22.62 19.91 22.15
C SER A 271 -22.01 19.73 20.76
N VAL A 272 -21.29 18.63 20.56
CA VAL A 272 -20.83 18.24 19.22
C VAL A 272 -21.16 16.76 19.04
N PRO A 273 -21.21 16.27 17.77
CA PRO A 273 -21.42 14.83 17.62
C PRO A 273 -20.29 14.08 18.31
N VAL A 274 -20.60 12.94 18.89
CA VAL A 274 -19.54 12.13 19.50
C VAL A 274 -19.75 10.63 19.24
N SER A 275 -18.73 9.99 18.71
CA SER A 275 -18.80 8.56 18.43
C SER A 275 -18.20 7.82 19.63
N VAL A 276 -18.90 6.80 20.11
CA VAL A 276 -18.40 6.01 21.25
C VAL A 276 -18.42 4.49 21.00
N VAL A 277 -17.22 3.92 20.87
CA VAL A 277 -17.06 2.48 20.68
C VAL A 277 -17.66 1.72 21.87
N SER A 278 -18.56 0.80 21.58
CA SER A 278 -19.41 0.23 22.62
C SER A 278 -19.29 -1.27 22.78
N ASP A 279 -18.29 -1.87 22.14
CA ASP A 279 -18.16 -3.32 22.12
C ASP A 279 -16.99 -3.85 22.92
N SER A 280 -16.45 -3.05 23.84
CA SER A 280 -15.26 -3.46 24.60
C SER A 280 -15.46 -4.81 25.31
N TYR A 281 -16.64 -4.99 25.90
CA TYR A 281 -16.96 -6.20 26.65
C TYR A 281 -18.19 -6.91 26.11
N ASP A 282 -19.26 -6.15 25.88
CA ASP A 282 -20.53 -6.70 25.42
C ASP A 282 -21.32 -5.56 24.80
N ILE A 283 -21.29 -5.50 23.48
CA ILE A 283 -21.97 -4.45 22.73
C ILE A 283 -23.50 -4.44 22.98
N TYR A 284 -24.10 -5.62 23.10
CA TYR A 284 -25.55 -5.68 23.25
C TYR A 284 -26.01 -5.23 24.62
N ASN A 285 -25.25 -5.60 25.64
CA ASN A 285 -25.46 -5.07 26.98
C ASN A 285 -25.30 -3.57 27.02
N ALA A 286 -24.25 -3.09 26.33
CA ALA A 286 -23.96 -1.65 26.33
C ALA A 286 -25.10 -0.86 25.70
N CYS A 287 -25.65 -1.38 24.62
CA CYS A 287 -26.76 -0.71 23.95
C CYS A 287 -28.04 -0.83 24.76
N GLU A 288 -28.31 -2.02 25.31
CA GLU A 288 -29.59 -2.23 25.98
C GLU A 288 -29.63 -1.66 27.39
N LYS A 289 -28.60 -1.92 28.19
CA LYS A 289 -28.64 -1.53 29.59
C LYS A 289 -27.91 -0.23 29.89
N ILE A 290 -26.77 0.01 29.25
CA ILE A 290 -26.00 1.21 29.58
C ILE A 290 -26.52 2.45 28.85
N TRP A 291 -26.50 2.43 27.53
CA TRP A 291 -27.07 3.53 26.77
C TRP A 291 -28.58 3.57 26.92
N GLY A 292 -29.21 2.39 26.92
CA GLY A 292 -30.65 2.30 26.77
C GLY A 292 -31.41 2.51 28.06
N GLU A 293 -30.72 2.37 29.19
CA GLU A 293 -31.31 2.56 30.51
C GLU A 293 -30.49 3.49 31.40
N ASP A 294 -29.31 3.05 31.85
CA ASP A 294 -28.54 3.80 32.84
C ASP A 294 -28.18 5.23 32.42
N LEU A 295 -27.84 5.40 31.15
CA LEU A 295 -27.42 6.71 30.66
C LEU A 295 -28.38 7.31 29.63
N ARG A 296 -29.56 6.72 29.50
CA ARG A 296 -30.55 7.20 28.53
C ARG A 296 -30.83 8.70 28.66
N HIS A 297 -30.82 9.19 29.90
CA HIS A 297 -31.15 10.59 30.19
C HIS A 297 -30.13 11.56 29.63
N LEU A 298 -28.90 11.08 29.42
CA LEU A 298 -27.84 11.90 28.87
C LEU A 298 -27.87 11.91 27.35
N ILE A 299 -28.68 11.02 26.78
CA ILE A 299 -28.74 10.85 25.34
C ILE A 299 -29.95 11.59 24.76
N VAL A 300 -31.12 11.36 25.36
CA VAL A 300 -32.36 11.94 24.84
C VAL A 300 -32.41 13.47 24.95
N SER A 301 -31.45 14.02 25.68
CA SER A 301 -31.33 15.46 25.89
C SER A 301 -30.46 16.12 24.82
N ARG A 302 -29.79 15.32 24.00
CA ARG A 302 -28.80 15.86 23.05
C ARG A 302 -29.42 16.53 21.83
N SER A 303 -28.70 17.52 21.30
CA SER A 303 -29.09 18.23 20.09
C SER A 303 -29.08 17.37 18.83
N THR A 304 -29.90 17.76 17.85
CA THR A 304 -29.91 17.13 16.54
C THR A 304 -28.58 17.36 15.82
N GLN A 305 -27.91 18.45 16.16
CA GLN A 305 -26.60 18.75 15.56
C GLN A 305 -25.47 18.06 16.32
N ALA A 306 -25.81 17.42 17.44
CA ALA A 306 -24.80 16.76 18.27
C ALA A 306 -25.26 15.41 18.81
N PRO A 307 -25.56 14.47 17.90
CA PRO A 307 -26.00 13.15 18.37
C PRO A 307 -24.90 12.29 18.98
N LEU A 308 -25.30 11.34 19.81
CA LEU A 308 -24.45 10.20 20.15
C LEU A 308 -24.44 9.25 18.96
N ILE A 309 -23.23 8.85 18.56
CA ILE A 309 -23.09 7.88 17.47
C ILE A 309 -22.51 6.59 18.06
N ILE A 310 -23.34 5.57 18.20
CA ILE A 310 -22.91 4.32 18.82
C ILE A 310 -22.11 3.51 17.83
N ARG A 311 -20.97 2.99 18.27
CA ARG A 311 -20.09 2.27 17.36
C ARG A 311 -19.81 0.84 17.81
N PRO A 312 -20.45 -0.13 17.16
CA PRO A 312 -20.05 -1.54 17.30
C PRO A 312 -18.75 -1.73 16.55
N ASP A 313 -17.96 -2.74 16.89
CA ASP A 313 -16.65 -2.89 16.25
C ASP A 313 -16.21 -4.35 16.18
N SER A 314 -17.15 -5.28 16.32
CA SER A 314 -16.81 -6.69 16.22
C SER A 314 -18.03 -7.52 15.87
N GLY A 315 -17.81 -8.79 15.53
CA GLY A 315 -18.89 -9.67 15.16
C GLY A 315 -19.18 -9.60 13.66
N ASN A 316 -20.13 -10.40 13.21
CA ASN A 316 -20.58 -10.33 11.82
C ASN A 316 -21.16 -8.94 11.60
N PRO A 317 -20.58 -8.16 10.66
CA PRO A 317 -20.96 -6.77 10.44
C PRO A 317 -22.46 -6.59 10.20
N LEU A 318 -23.04 -7.42 9.35
CA LEU A 318 -24.48 -7.35 9.11
C LEU A 318 -25.28 -7.72 10.36
N ASP A 319 -25.02 -8.89 10.93
CA ASP A 319 -25.83 -9.37 12.05
C ASP A 319 -25.77 -8.41 13.23
N THR A 320 -24.60 -7.81 13.42
CA THR A 320 -24.36 -6.94 14.55
C THR A 320 -25.08 -5.61 14.37
N VAL A 321 -25.00 -5.03 13.18
CA VAL A 321 -25.74 -3.79 12.92
C VAL A 321 -27.23 -3.97 13.13
N LEU A 322 -27.78 -5.04 12.58
CA LEU A 322 -29.22 -5.30 12.73
C LEU A 322 -29.66 -5.50 14.18
N LYS A 323 -28.87 -6.24 14.95
CA LYS A 323 -29.22 -6.49 16.35
C LYS A 323 -29.12 -5.20 17.16
N VAL A 324 -28.11 -4.39 16.87
CA VAL A 324 -27.95 -3.10 17.53
C VAL A 324 -29.16 -2.20 17.26
N LEU A 325 -29.56 -2.10 16.00
CA LEU A 325 -30.74 -1.31 15.64
C LEU A 325 -32.00 -1.82 16.35
N GLU A 326 -32.18 -3.13 16.41
N GLU A 326 -32.15 -3.14 16.41
CA GLU A 326 -33.38 -3.65 17.07
CA GLU A 326 -33.32 -3.72 17.06
C GLU A 326 -33.35 -3.33 18.56
C GLU A 326 -33.35 -3.41 18.55
N ILE A 327 -32.17 -3.44 19.18
CA ILE A 327 -32.06 -3.10 20.59
C ILE A 327 -32.42 -1.63 20.81
N LEU A 328 -31.80 -0.75 20.03
CA LEU A 328 -32.02 0.70 20.16
C LEU A 328 -33.46 1.09 19.86
N GLY A 329 -34.07 0.42 18.89
CA GLY A 329 -35.44 0.70 18.51
C GLY A 329 -36.44 0.39 19.61
N LYS A 330 -36.04 -0.46 20.55
CA LYS A 330 -36.95 -0.80 21.64
C LYS A 330 -36.72 0.03 22.90
N LYS A 331 -35.58 0.73 22.95
CA LYS A 331 -35.27 1.57 24.10
C LYS A 331 -35.48 3.07 23.82
N PHE A 332 -35.63 3.41 22.54
CA PHE A 332 -35.72 4.80 22.10
C PHE A 332 -36.90 4.97 21.13
N PRO A 333 -37.49 6.18 21.10
CA PRO A 333 -38.66 6.42 20.24
C PRO A 333 -38.36 6.40 18.75
N VAL A 334 -38.82 5.37 18.07
CA VAL A 334 -38.60 5.24 16.62
C VAL A 334 -39.80 5.79 15.87
N THR A 335 -39.53 6.50 14.78
CA THR A 335 -40.60 6.96 13.90
C THR A 335 -40.57 6.19 12.59
N GLU A 336 -41.59 6.37 11.77
CA GLU A 336 -41.58 5.78 10.43
C GLU A 336 -41.61 6.93 9.45
N ASN A 337 -40.63 6.95 8.53
CA ASN A 337 -40.55 8.04 7.56
C ASN A 337 -41.58 7.88 6.43
N SER A 338 -41.57 8.79 5.48
CA SER A 338 -42.60 8.80 4.45
C SER A 338 -42.43 7.65 3.46
N LYS A 339 -41.27 7.01 3.48
CA LYS A 339 -41.01 5.87 2.62
C LYS A 339 -41.37 4.55 3.29
N GLY A 340 -41.69 4.63 4.58
CA GLY A 340 -42.11 3.47 5.33
C GLY A 340 -41.00 2.82 6.13
N TYR A 341 -39.85 3.49 6.19
CA TYR A 341 -38.71 2.94 6.91
C TYR A 341 -38.57 3.50 8.32
N LYS A 342 -38.02 2.67 9.20
CA LYS A 342 -37.85 3.07 10.59
C LYS A 342 -36.66 4.00 10.77
N LEU A 343 -36.83 4.95 11.68
CA LEU A 343 -35.85 6.02 11.89
C LEU A 343 -35.67 6.28 13.38
N LEU A 344 -34.43 6.14 13.85
CA LEU A 344 -34.07 6.48 15.21
C LEU A 344 -34.29 7.97 15.45
N PRO A 345 -34.42 8.40 16.72
CA PRO A 345 -34.51 9.85 16.99
C PRO A 345 -33.23 10.54 16.54
N PRO A 346 -33.32 11.83 16.22
CA PRO A 346 -32.17 12.54 15.63
C PRO A 346 -30.94 12.67 16.53
N TYR A 347 -31.07 12.37 17.82
CA TYR A 347 -29.94 12.48 18.73
C TYR A 347 -29.16 11.17 18.84
N LEU A 348 -29.56 10.18 18.05
CA LEU A 348 -28.96 8.86 18.14
C LEU A 348 -28.71 8.23 16.77
N ARG A 349 -27.44 7.94 16.49
CA ARG A 349 -27.05 7.36 15.22
C ARG A 349 -26.07 6.22 15.47
N VAL A 350 -25.78 5.46 14.41
CA VAL A 350 -24.88 4.30 14.51
C VAL A 350 -23.81 4.41 13.43
N ILE A 351 -22.59 4.00 13.76
CA ILE A 351 -21.53 3.87 12.77
C ILE A 351 -20.92 2.48 12.80
N GLN A 352 -20.84 1.83 11.64
CA GLN A 352 -20.22 0.52 11.55
C GLN A 352 -18.86 0.71 10.89
N GLY A 353 -17.79 0.49 11.65
CA GLY A 353 -16.45 0.76 11.13
C GLY A 353 -15.51 -0.42 11.19
N ASP A 354 -16.05 -1.62 11.30
CA ASP A 354 -15.26 -2.84 11.28
C ASP A 354 -15.70 -3.75 10.12
N GLY A 355 -14.72 -4.22 9.36
CA GLY A 355 -14.96 -5.19 8.30
C GLY A 355 -15.70 -4.64 7.10
N VAL A 356 -15.66 -3.33 6.91
CA VAL A 356 -16.38 -2.70 5.81
C VAL A 356 -15.53 -2.58 4.56
N ASP A 357 -16.03 -3.15 3.48
CA ASP A 357 -15.48 -2.90 2.16
C ASP A 357 -16.66 -2.85 1.21
N ILE A 358 -16.39 -2.79 -0.09
CA ILE A 358 -17.48 -2.62 -1.04
C ILE A 358 -18.51 -3.77 -1.00
N ASN A 359 -18.04 -4.99 -0.78
CA ASN A 359 -18.96 -6.14 -0.75
C ASN A 359 -19.82 -6.14 0.51
N THR A 360 -19.20 -5.91 1.67
CA THR A 360 -19.94 -5.94 2.92
C THR A 360 -20.82 -4.70 3.09
N LEU A 361 -20.40 -3.56 2.56
CA LEU A 361 -21.23 -2.36 2.57
C LEU A 361 -22.59 -2.63 1.90
N GLN A 362 -22.51 -3.23 0.71
CA GLN A 362 -23.69 -3.62 -0.03
C GLN A 362 -24.58 -4.57 0.79
N GLU A 363 -23.97 -5.57 1.42
N GLU A 363 -23.95 -5.57 1.40
CA GLU A 363 -24.73 -6.55 2.18
CA GLU A 363 -24.64 -6.55 2.22
C GLU A 363 -25.41 -5.94 3.42
C GLU A 363 -25.41 -5.91 3.35
N ILE A 364 -24.77 -4.95 4.02
CA ILE A 364 -25.34 -4.30 5.18
C ILE A 364 -26.54 -3.42 4.79
N VAL A 365 -26.38 -2.57 3.77
CA VAL A 365 -27.50 -1.69 3.43
C VAL A 365 -28.70 -2.48 2.89
N GLU A 366 -28.44 -3.54 2.13
CA GLU A 366 -29.51 -4.39 1.62
C GLU A 366 -30.21 -5.10 2.77
N GLY A 367 -29.43 -5.50 3.76
CA GLY A 367 -29.95 -6.20 4.92
C GLY A 367 -30.81 -5.27 5.73
N MET A 368 -30.33 -4.05 5.93
CA MET A 368 -31.12 -3.01 6.60
C MET A 368 -32.42 -2.73 5.88
N LYS A 369 -32.35 -2.62 4.56
CA LYS A 369 -33.58 -2.34 3.80
C LYS A 369 -34.57 -3.48 4.00
N GLN A 370 -34.06 -4.71 4.03
CA GLN A 370 -34.89 -5.89 4.22
C GLN A 370 -35.66 -5.81 5.53
N LYS A 371 -34.98 -5.35 6.58
CA LYS A 371 -35.57 -5.23 7.90
C LYS A 371 -36.25 -3.89 8.15
N MET A 372 -36.47 -3.12 7.08
CA MET A 372 -37.20 -1.85 7.12
C MET A 372 -36.54 -0.73 7.93
N TRP A 373 -35.21 -0.75 7.99
CA TRP A 373 -34.45 0.33 8.63
C TRP A 373 -33.92 1.31 7.60
N SER A 374 -34.15 2.59 7.80
CA SER A 374 -33.63 3.58 6.85
C SER A 374 -32.11 3.69 6.93
N ILE A 375 -31.48 3.97 5.79
CA ILE A 375 -30.03 4.19 5.74
C ILE A 375 -29.67 5.50 6.45
N GLU A 376 -30.66 6.37 6.64
CA GLU A 376 -30.47 7.57 7.47
C GLU A 376 -29.85 7.23 8.84
N ASN A 377 -30.15 6.04 9.34
CA ASN A 377 -29.73 5.62 10.68
C ASN A 377 -28.24 5.35 10.86
N ILE A 378 -27.55 5.08 9.76
CA ILE A 378 -26.20 4.51 9.84
C ILE A 378 -25.20 5.29 9.01
N ALA A 379 -23.94 5.23 9.42
CA ALA A 379 -22.81 5.67 8.61
C ALA A 379 -21.77 4.56 8.66
N PHE A 380 -20.77 4.63 7.79
CA PHE A 380 -19.79 3.58 7.76
C PHE A 380 -18.40 4.16 7.86
N GLY A 381 -17.50 3.39 8.44
CA GLY A 381 -16.08 3.74 8.45
C GLY A 381 -15.33 2.60 7.79
N SER A 382 -14.27 2.92 7.08
CA SER A 382 -13.51 1.87 6.40
C SER A 382 -12.05 2.25 6.42
N GLY A 383 -11.21 1.26 6.75
CA GLY A 383 -9.79 1.47 6.87
C GLY A 383 -9.01 0.71 5.81
N GLY A 384 -8.65 -0.53 6.10
CA GLY A 384 -7.89 -1.32 5.14
C GLY A 384 -8.66 -1.58 3.85
N GLY A 385 -9.96 -1.80 3.97
CA GLY A 385 -10.78 -2.00 2.79
C GLY A 385 -10.78 -0.82 1.82
N LEU A 386 -10.76 0.39 2.39
CA LEU A 386 -10.80 1.62 1.61
C LEU A 386 -9.45 2.04 0.98
N LEU A 387 -8.36 1.87 1.71
CA LEU A 387 -7.08 2.44 1.29
C LEU A 387 -5.97 1.43 1.03
N GLN A 388 -6.13 0.18 1.46
CA GLN A 388 -5.00 -0.77 1.34
C GLN A 388 -5.33 -2.03 0.55
N LYS A 389 -6.55 -2.54 0.71
CA LYS A 389 -6.94 -3.78 0.03
C LYS A 389 -7.33 -3.53 -1.43
N LEU A 390 -6.38 -3.01 -2.20
CA LEU A 390 -6.56 -2.67 -3.60
C LEU A 390 -5.24 -2.94 -4.29
N THR A 391 -5.29 -3.32 -5.56
CA THR A 391 -4.07 -3.53 -6.33
C THR A 391 -4.19 -2.91 -7.72
N ARG A 392 -3.08 -2.88 -8.44
CA ARG A 392 -3.02 -2.32 -9.78
C ARG A 392 -3.81 -3.22 -10.74
N ASP A 393 -3.95 -4.48 -10.37
CA ASP A 393 -4.71 -5.45 -11.18
C ASP A 393 -6.21 -5.18 -11.17
N LEU A 394 -6.71 -4.49 -10.15
CA LEU A 394 -8.16 -4.32 -10.01
C LEU A 394 -8.81 -3.63 -11.24
N LEU A 395 -8.21 -2.55 -11.72
CA LEU A 395 -8.70 -1.87 -12.92
C LEU A 395 -7.75 -2.07 -14.10
N ASN A 396 -6.78 -2.98 -13.92
CA ASN A 396 -5.75 -3.23 -14.94
C ASN A 396 -5.03 -1.98 -15.42
N CYS A 397 -4.61 -1.15 -14.47
CA CYS A 397 -3.85 0.05 -14.79
C CYS A 397 -2.53 -0.32 -15.44
N SER A 398 -2.28 0.23 -16.63
CA SER A 398 -1.18 -0.26 -17.45
C SER A 398 -0.63 0.81 -18.41
N PHE A 399 0.68 0.76 -18.64
CA PHE A 399 1.39 1.77 -19.40
C PHE A 399 2.12 1.01 -20.49
N LYS A 400 1.91 1.38 -21.74
CA LYS A 400 2.52 0.65 -22.87
C LYS A 400 2.96 1.59 -23.97
N CYS A 401 4.01 1.21 -24.70
CA CYS A 401 4.44 1.97 -25.88
C CYS A 401 3.50 1.61 -27.04
N SER A 402 3.00 2.63 -27.76
CA SER A 402 2.10 2.41 -28.89
C SER A 402 2.61 2.98 -30.21
N TYR A 403 3.67 3.80 -30.15
CA TYR A 403 4.14 4.49 -31.34
C TYR A 403 5.62 4.82 -31.20
N VAL A 404 6.38 4.54 -32.25
CA VAL A 404 7.79 4.97 -32.30
C VAL A 404 8.13 5.51 -33.67
N VAL A 405 9.15 6.37 -33.72
CA VAL A 405 9.68 6.82 -35.00
C VAL A 405 11.13 6.37 -35.10
N THR A 406 11.42 5.56 -36.13
CA THR A 406 12.75 5.02 -36.35
C THR A 406 13.12 5.35 -37.79
N ASN A 407 14.33 5.87 -38.00
CA ASN A 407 14.76 6.33 -39.32
C ASN A 407 13.76 7.26 -39.99
N GLY A 408 13.15 8.13 -39.19
CA GLY A 408 12.19 9.09 -39.69
C GLY A 408 10.82 8.53 -40.05
N LEU A 409 10.62 7.23 -39.83
CA LEU A 409 9.34 6.60 -40.17
C LEU A 409 8.57 6.21 -38.90
N GLY A 410 7.31 6.64 -38.82
CA GLY A 410 6.49 6.26 -37.68
C GLY A 410 5.92 4.87 -37.84
N ILE A 411 5.97 4.06 -36.78
CA ILE A 411 5.36 2.74 -36.84
C ILE A 411 4.46 2.51 -35.62
N ASN A 412 3.31 1.90 -35.86
CA ASN A 412 2.39 1.62 -34.77
C ASN A 412 2.80 0.32 -34.10
N VAL A 413 3.05 0.37 -32.80
CA VAL A 413 3.52 -0.82 -32.09
C VAL A 413 2.59 -1.22 -30.94
N PHE A 414 2.67 -2.47 -30.53
CA PHE A 414 1.69 -3.04 -29.60
C PHE A 414 2.17 -4.42 -29.18
N LYS A 415 1.59 -4.94 -28.11
CA LYS A 415 1.75 -6.35 -27.77
C LYS A 415 0.40 -7.04 -27.98
N ASP A 416 0.41 -8.36 -28.21
CA ASP A 416 -0.85 -9.11 -28.38
C ASP A 416 -0.60 -10.58 -28.07
N PRO A 417 -0.41 -10.92 -26.78
CA PRO A 417 0.00 -12.26 -26.39
C PRO A 417 -1.04 -13.29 -26.83
N VAL A 418 -0.56 -14.40 -27.38
CA VAL A 418 -1.45 -15.41 -27.95
C VAL A 418 -2.40 -16.00 -26.90
N ALA A 419 -1.91 -16.16 -25.67
CA ALA A 419 -2.70 -16.84 -24.65
C ALA A 419 -3.57 -15.89 -23.83
N ASP A 420 -3.49 -14.60 -24.09
CA ASP A 420 -4.31 -13.66 -23.32
C ASP A 420 -4.66 -12.39 -24.11
N PRO A 421 -5.78 -12.45 -24.86
CA PRO A 421 -6.31 -11.31 -25.63
C PRO A 421 -6.62 -10.08 -24.76
N ASN A 422 -6.88 -10.28 -23.48
CA ASN A 422 -7.09 -9.17 -22.55
C ASN A 422 -5.85 -8.29 -22.40
N LYS A 423 -4.68 -8.81 -22.74
CA LYS A 423 -3.46 -8.00 -22.59
C LYS A 423 -3.00 -7.32 -23.89
N ARG A 424 -3.78 -7.46 -24.96
CA ARG A 424 -3.47 -6.76 -26.20
C ARG A 424 -3.46 -5.25 -25.95
N SER A 425 -2.45 -4.55 -26.49
CA SER A 425 -2.37 -3.11 -26.28
C SER A 425 -2.72 -2.32 -27.53
N LYS A 426 -3.01 -1.02 -27.38
CA LYS A 426 -3.46 -0.17 -28.49
C LYS A 426 -2.32 0.21 -29.43
N LYS A 427 -2.68 0.55 -30.67
CA LYS A 427 -1.71 0.81 -31.73
C LYS A 427 -1.64 2.28 -32.11
N GLY A 428 -0.42 2.83 -32.19
CA GLY A 428 -0.22 4.14 -32.79
C GLY A 428 -0.53 5.34 -31.91
N ARG A 429 -0.61 6.51 -32.53
CA ARG A 429 -0.95 7.74 -31.79
C ARG A 429 -2.42 7.73 -31.42
N LEU A 430 -2.69 8.09 -30.17
CA LEU A 430 -4.03 7.96 -29.60
C LEU A 430 -4.64 9.32 -29.28
N SER A 431 -5.98 9.34 -29.23
CA SER A 431 -6.71 10.53 -28.82
C SER A 431 -8.05 10.09 -28.23
N LEU A 432 -8.59 10.89 -27.32
CA LEU A 432 -9.86 10.57 -26.66
C LEU A 432 -10.96 11.54 -27.12
N HIS A 433 -12.11 11.00 -27.50
CA HIS A 433 -13.17 11.83 -28.08
C HIS A 433 -14.55 11.49 -27.51
N ARG A 434 -15.43 12.47 -27.52
CA ARG A 434 -16.85 12.23 -27.26
C ARG A 434 -17.47 11.63 -28.49
N THR A 435 -18.36 10.67 -28.27
CA THR A 435 -19.07 10.05 -29.36
C THR A 435 -20.34 10.85 -29.64
N PRO A 436 -20.95 10.65 -30.82
CA PRO A 436 -22.20 11.36 -31.10
C PRO A 436 -23.26 11.14 -30.02
N ALA A 437 -23.29 9.96 -29.41
CA ALA A 437 -24.25 9.69 -28.35
C ALA A 437 -23.78 10.21 -27.00
N GLY A 438 -22.60 10.83 -26.96
CA GLY A 438 -22.11 11.46 -25.74
C GLY A 438 -21.23 10.57 -24.88
N ASN A 439 -20.82 9.43 -25.42
CA ASN A 439 -19.94 8.52 -24.71
C ASN A 439 -18.49 8.82 -25.05
N PHE A 440 -17.58 7.94 -24.66
CA PHE A 440 -16.17 8.15 -24.93
C PHE A 440 -15.67 7.14 -25.95
N VAL A 441 -14.72 7.57 -26.78
CA VAL A 441 -14.01 6.63 -27.63
C VAL A 441 -12.53 7.02 -27.78
N THR A 442 -11.66 6.01 -27.78
CA THR A 442 -10.24 6.22 -28.03
C THR A 442 -9.92 5.84 -29.47
N LEU A 443 -9.42 6.80 -30.24
CA LEU A 443 -9.05 6.56 -31.64
C LEU A 443 -7.58 6.15 -31.71
N GLU A 444 -7.28 5.13 -32.51
CA GLU A 444 -5.93 4.62 -32.63
C GLU A 444 -5.33 5.00 -33.97
N GLU A 445 -4.03 4.71 -34.14
CA GLU A 445 -3.33 4.89 -35.42
C GLU A 445 -3.40 6.31 -35.93
N GLY A 446 -3.51 7.27 -35.01
CA GLY A 446 -3.51 8.68 -35.37
C GLY A 446 -4.76 9.11 -36.11
N LYS A 447 -5.81 8.29 -36.05
CA LYS A 447 -7.07 8.60 -36.73
C LYS A 447 -7.77 9.86 -36.21
N GLY A 448 -7.36 10.32 -35.03
CA GLY A 448 -7.88 11.56 -34.48
C GLY A 448 -7.60 12.78 -35.35
N ASP A 449 -6.51 12.71 -36.13
CA ASP A 449 -6.12 13.81 -37.01
C ASP A 449 -7.10 14.00 -38.16
N LEU A 450 -7.93 13.00 -38.41
CA LEU A 450 -8.95 13.09 -39.44
C LEU A 450 -10.06 14.06 -39.03
N GLU A 451 -10.18 14.30 -37.72
CA GLU A 451 -11.16 15.22 -37.16
C GLU A 451 -12.61 14.90 -37.52
N GLU A 452 -12.94 13.60 -37.51
CA GLU A 452 -14.29 13.15 -37.75
C GLU A 452 -15.06 13.14 -36.44
N TYR A 453 -14.33 13.27 -35.34
CA TYR A 453 -14.93 13.43 -34.03
C TYR A 453 -14.64 14.85 -33.56
N GLY A 454 -15.05 15.17 -32.35
CA GLY A 454 -14.79 16.49 -31.82
C GLY A 454 -13.32 16.65 -31.46
N GLN A 455 -13.06 17.57 -30.54
CA GLN A 455 -11.71 17.89 -30.14
C GLN A 455 -11.19 16.74 -29.26
N ASP A 456 -9.87 16.55 -29.28
CA ASP A 456 -9.20 15.59 -28.40
C ASP A 456 -9.42 16.06 -26.96
N LEU A 457 -9.84 15.15 -26.09
CA LEU A 457 -10.13 15.48 -24.70
C LEU A 457 -8.89 15.47 -23.82
N LEU A 458 -7.79 14.90 -24.32
CA LEU A 458 -6.52 14.98 -23.61
C LEU A 458 -5.91 16.37 -23.76
N HIS A 459 -5.47 16.95 -22.65
CA HIS A 459 -4.80 18.25 -22.65
C HIS A 459 -3.36 18.13 -22.17
N THR A 460 -2.46 18.93 -22.73
CA THR A 460 -1.09 18.97 -22.25
C THR A 460 -1.04 19.49 -20.82
N VAL A 461 -0.57 18.64 -19.91
CA VAL A 461 -0.43 18.99 -18.51
C VAL A 461 1.04 19.15 -18.08
N PHE A 462 1.96 18.65 -18.89
CA PHE A 462 3.38 18.74 -18.57
C PHE A 462 4.14 18.82 -19.89
N LYS A 463 5.06 19.78 -19.96
CA LYS A 463 5.92 19.88 -21.14
C LYS A 463 7.26 20.50 -20.77
N ASN A 464 8.34 19.77 -21.04
CA ASN A 464 9.70 20.27 -20.84
C ASN A 464 9.97 20.86 -19.45
N GLY A 465 9.57 20.13 -18.41
CA GLY A 465 9.86 20.52 -17.04
C GLY A 465 8.81 21.37 -16.35
N LYS A 466 7.80 21.82 -17.10
CA LYS A 466 6.80 22.73 -16.56
C LYS A 466 5.42 22.10 -16.53
N VAL A 467 4.70 22.31 -15.42
CA VAL A 467 3.30 21.91 -15.33
C VAL A 467 2.47 22.97 -16.07
N THR A 468 1.78 22.55 -17.13
CA THR A 468 1.19 23.52 -18.05
C THR A 468 -0.31 23.70 -17.89
N LYS A 469 -0.92 22.82 -17.11
CA LYS A 469 -2.36 22.91 -16.86
C LYS A 469 -2.64 22.21 -15.53
N SER A 470 -3.29 22.93 -14.61
CA SER A 470 -3.59 22.44 -13.27
C SER A 470 -5.08 22.50 -12.96
N TYR A 471 -5.53 21.65 -12.04
CA TYR A 471 -6.92 21.64 -11.60
C TYR A 471 -7.04 21.84 -10.09
N SER A 472 -8.08 22.54 -9.65
CA SER A 472 -8.32 22.64 -8.22
C SER A 472 -9.05 21.40 -7.74
N PHE A 473 -9.03 21.19 -6.43
CA PHE A 473 -9.72 20.04 -5.88
C PHE A 473 -11.25 20.22 -6.05
N ASP A 474 -11.69 21.48 -6.06
CA ASP A 474 -13.11 21.80 -6.26
C ASP A 474 -13.59 21.36 -7.63
N GLU A 475 -12.77 21.61 -8.66
CA GLU A 475 -13.06 21.18 -10.03
C GLU A 475 -13.10 19.66 -10.12
N ILE A 476 -12.15 19.01 -9.44
CA ILE A 476 -12.07 17.57 -9.49
C ILE A 476 -13.33 16.90 -8.89
N ARG A 477 -13.77 17.40 -7.74
CA ARG A 477 -14.99 16.92 -7.10
C ARG A 477 -16.20 17.11 -8.02
N LYS A 478 -16.24 18.25 -8.71
CA LYS A 478 -17.33 18.54 -9.64
C LYS A 478 -17.36 17.53 -10.76
N ASN A 479 -16.17 17.23 -11.30
CA ASN A 479 -16.06 16.29 -12.42
C ASN A 479 -16.44 14.87 -12.00
N ALA A 480 -16.19 14.54 -10.74
CA ALA A 480 -16.41 13.17 -10.24
C ALA A 480 -17.82 12.92 -9.68
N GLN A 481 -18.72 13.89 -9.82
CA GLN A 481 -20.08 13.72 -9.29
C GLN A 481 -20.84 12.50 -9.82
N LEU A 482 -21.69 11.93 -8.97
CA LEU A 482 -22.54 10.83 -9.38
C LEU A 482 -23.63 11.33 -10.31
N ASN A 483 -24.08 10.46 -11.23
CA ASN A 483 -25.25 10.77 -12.06
C ASN A 483 -26.47 11.10 -11.21
N ILE A 484 -26.71 10.29 -10.17
CA ILE A 484 -27.87 10.50 -9.29
C ILE A 484 -27.83 11.86 -8.58
N GLU A 485 -26.63 12.40 -8.36
CA GLU A 485 -26.47 13.71 -7.75
C GLU A 485 -26.83 14.81 -8.77
N LEU A 486 -26.43 14.60 -10.02
CA LEU A 486 -26.71 15.55 -11.09
C LEU A 486 -28.22 15.71 -11.36
N GLU B 8 7.80 19.60 5.55
CA GLU B 8 8.46 18.88 6.63
C GLU B 8 7.46 18.09 7.46
N PHE B 9 7.82 16.86 7.80
CA PHE B 9 6.94 15.97 8.57
C PHE B 9 6.60 16.56 9.93
N ASN B 10 5.31 16.50 10.28
CA ASN B 10 4.85 17.01 11.55
C ASN B 10 4.10 15.93 12.33
N ILE B 11 4.73 15.44 13.40
CA ILE B 11 4.15 14.35 14.18
C ILE B 11 2.80 14.72 14.85
N LEU B 12 2.54 16.03 15.00
CA LEU B 12 1.28 16.50 15.57
C LEU B 12 0.14 16.35 14.55
N LEU B 13 0.50 16.10 13.30
CA LEU B 13 -0.48 15.92 12.23
C LEU B 13 -0.40 14.52 11.66
N ALA B 14 0.28 13.62 12.36
CA ALA B 14 0.51 12.27 11.86
C ALA B 14 -0.14 11.23 12.76
N THR B 15 -1.37 11.51 13.18
CA THR B 15 -2.15 10.59 13.98
C THR B 15 -3.58 10.53 13.43
N ASP B 16 -4.33 9.51 13.82
CA ASP B 16 -5.76 9.49 13.48
C ASP B 16 -6.40 10.69 14.15
N SER B 17 -7.29 11.37 13.42
CA SER B 17 -7.96 12.57 13.93
C SER B 17 -8.52 12.44 15.34
N TYR B 18 -9.30 11.38 15.59
CA TYR B 18 -9.98 11.26 16.88
C TYR B 18 -9.03 11.22 18.07
N LYS B 19 -7.78 10.81 17.83
CA LYS B 19 -6.81 10.77 18.92
C LYS B 19 -6.49 12.16 19.46
N VAL B 20 -6.73 13.19 18.66
CA VAL B 20 -6.58 14.56 19.11
C VAL B 20 -7.48 14.84 20.33
N THR B 21 -8.60 14.14 20.41
CA THR B 21 -9.58 14.37 21.47
C THR B 21 -9.45 13.41 22.65
N HIS B 22 -8.50 12.49 22.57
CA HIS B 22 -8.39 11.45 23.60
C HIS B 22 -7.85 11.91 24.96
N TYR B 23 -7.07 12.98 24.99
CA TYR B 23 -6.51 13.43 26.26
C TYR B 23 -7.62 13.84 27.23
N LYS B 24 -8.81 14.08 26.70
CA LYS B 24 -9.93 14.47 27.53
C LYS B 24 -10.87 13.31 27.87
N GLN B 25 -10.50 12.09 27.51
CA GLN B 25 -11.42 10.95 27.67
C GLN B 25 -10.90 9.91 28.66
N TYR B 26 -9.60 9.95 28.95
CA TYR B 26 -8.99 9.05 29.92
C TYR B 26 -9.48 9.41 31.33
N PRO B 27 -9.46 8.44 32.27
CA PRO B 27 -9.84 8.76 33.64
C PRO B 27 -9.02 9.91 34.20
N PRO B 28 -9.65 10.82 34.95
CA PRO B 28 -8.91 11.88 35.65
C PRO B 28 -7.76 11.32 36.49
N ASN B 29 -6.67 12.06 36.56
CA ASN B 29 -5.50 11.66 37.35
C ASN B 29 -4.81 10.40 36.84
N THR B 30 -4.82 10.20 35.53
CA THR B 30 -4.08 9.10 34.92
C THR B 30 -2.67 9.59 34.64
N SER B 31 -1.68 8.86 35.14
CA SER B 31 -0.28 9.27 35.05
C SER B 31 0.52 8.39 34.10
N LYS B 32 -0.03 7.25 33.75
CA LYS B 32 0.69 6.29 32.90
C LYS B 32 -0.27 5.54 31.98
N VAL B 33 0.07 5.50 30.70
CA VAL B 33 -0.63 4.64 29.76
C VAL B 33 0.39 3.72 29.09
N TYR B 34 0.15 2.40 29.16
CA TYR B 34 1.10 1.40 28.69
C TYR B 34 0.40 0.54 27.66
N SER B 35 1.00 0.44 26.47
CA SER B 35 0.36 -0.26 25.37
C SER B 35 1.34 -1.21 24.69
N TYR B 36 0.81 -2.16 23.93
CA TYR B 36 1.65 -3.16 23.27
C TYR B 36 1.17 -3.55 21.87
N PHE B 37 2.10 -4.09 21.09
CA PHE B 37 1.82 -4.50 19.72
C PHE B 37 2.01 -6.00 19.63
N GLU B 38 1.05 -6.68 18.99
CA GLU B 38 1.18 -8.10 18.68
C GLU B 38 0.63 -8.40 17.28
N CYS B 39 1.00 -9.54 16.71
CA CYS B 39 0.29 -10.10 15.57
C CYS B 39 -0.67 -11.14 16.13
N ARG B 40 -1.90 -10.71 16.39
CA ARG B 40 -2.86 -11.48 17.19
C ARG B 40 -3.16 -12.86 16.61
N GLU B 41 -3.26 -13.84 17.49
CA GLU B 41 -3.41 -15.22 17.09
C GLU B 41 -4.81 -15.48 16.52
N LYS B 42 -4.91 -16.47 15.63
CA LYS B 42 -6.18 -16.99 15.13
C LYS B 42 -6.99 -15.92 14.40
N LYS B 53 -1.89 -21.10 8.42
CA LYS B 53 -0.81 -20.42 7.72
C LYS B 53 -0.36 -19.15 8.44
N TYR B 54 0.88 -18.75 8.20
CA TYR B 54 1.51 -17.63 8.91
C TYR B 54 1.50 -17.77 10.43
N GLU B 55 1.99 -18.90 10.92
CA GLU B 55 2.02 -19.17 12.35
C GLU B 55 3.12 -18.41 13.08
N GLU B 56 4.07 -17.87 12.31
CA GLU B 56 5.16 -17.10 12.89
C GLU B 56 5.44 -15.87 12.03
N THR B 57 5.92 -14.80 12.63
CA THR B 57 6.12 -13.56 11.90
C THR B 57 7.57 -13.09 12.04
N VAL B 58 8.07 -12.44 11.01
CA VAL B 58 9.37 -11.76 11.08
C VAL B 58 9.17 -10.32 11.58
N PHE B 59 9.83 -9.98 12.69
CA PHE B 59 9.69 -8.62 13.21
C PHE B 59 10.71 -7.71 12.55
N TYR B 60 10.24 -6.79 11.71
CA TYR B 60 11.15 -5.91 10.99
C TYR B 60 10.47 -4.59 10.69
N GLY B 61 11.21 -3.48 10.84
CA GLY B 61 10.75 -2.19 10.33
C GLY B 61 10.57 -1.09 11.36
N LEU B 62 10.56 -1.45 12.65
CA LEU B 62 10.38 -0.45 13.70
C LEU B 62 11.53 0.57 13.73
N GLN B 63 12.75 0.08 13.52
CA GLN B 63 13.94 0.93 13.55
C GLN B 63 13.85 2.07 12.53
N TYR B 64 13.31 1.77 11.36
CA TYR B 64 13.04 2.80 10.35
C TYR B 64 12.13 3.90 10.91
N ILE B 65 11.02 3.50 11.52
CA ILE B 65 10.06 4.46 12.07
C ILE B 65 10.65 5.28 13.21
N LEU B 66 11.38 4.64 14.12
CA LEU B 66 12.02 5.33 15.24
C LEU B 66 12.95 6.44 14.74
N ASN B 67 13.80 6.11 13.78
CA ASN B 67 14.77 7.07 13.25
C ASN B 67 14.15 8.12 12.35
N LYS B 68 13.23 7.75 11.47
CA LYS B 68 12.75 8.73 10.51
C LYS B 68 11.77 9.71 11.13
N TYR B 69 10.96 9.22 12.07
CA TYR B 69 9.80 9.96 12.57
C TYR B 69 9.79 10.34 14.06
N LEU B 70 10.39 9.51 14.91
CA LEU B 70 10.18 9.67 16.34
C LEU B 70 11.32 10.27 17.15
N LYS B 71 12.56 10.14 16.68
CA LYS B 71 13.73 10.52 17.47
C LYS B 71 14.06 12.01 17.35
N GLY B 72 14.69 12.53 18.41
CA GLY B 72 15.18 13.90 18.39
C GLY B 72 14.09 14.93 18.61
N LYS B 73 14.35 16.16 18.17
CA LYS B 73 13.39 17.23 18.36
C LYS B 73 12.28 17.18 17.30
N VAL B 74 11.13 16.67 17.70
CA VAL B 74 10.02 16.45 16.77
C VAL B 74 8.87 17.44 17.00
N VAL B 75 9.06 18.33 17.97
CA VAL B 75 8.07 19.37 18.26
C VAL B 75 8.76 20.72 18.22
N THR B 76 8.17 21.66 17.50
CA THR B 76 8.62 23.04 17.50
C THR B 76 7.43 23.97 17.73
N LYS B 77 7.71 25.25 17.99
CA LYS B 77 6.62 26.20 18.16
C LYS B 77 5.81 26.32 16.87
N GLU B 78 6.50 26.21 15.74
CA GLU B 78 5.83 26.28 14.43
C GLU B 78 4.91 25.09 14.19
N LYS B 79 5.37 23.89 14.53
CA LYS B 79 4.56 22.68 14.34
C LYS B 79 3.34 22.70 15.23
N ILE B 80 3.50 23.23 16.44
CA ILE B 80 2.37 23.36 17.35
C ILE B 80 1.32 24.32 16.77
N GLN B 81 1.75 25.47 16.27
CA GLN B 81 0.81 26.44 15.72
C GLN B 81 0.08 25.95 14.46
N GLU B 82 0.81 25.22 13.61
CA GLU B 82 0.20 24.70 12.40
C GLU B 82 -0.84 23.63 12.71
N ALA B 83 -0.53 22.73 13.65
CA ALA B 83 -1.48 21.71 14.07
C ALA B 83 -2.73 22.36 14.64
N LYS B 84 -2.54 23.36 15.49
CA LYS B 84 -3.66 24.08 16.11
C LYS B 84 -4.59 24.65 15.05
N ASP B 85 -4.02 25.28 14.04
CA ASP B 85 -4.80 25.91 12.98
C ASP B 85 -5.53 24.88 12.13
N VAL B 86 -4.88 23.74 11.87
CA VAL B 86 -5.49 22.70 11.06
C VAL B 86 -6.68 22.04 11.79
N TYR B 87 -6.48 21.67 13.05
CA TYR B 87 -7.53 21.00 13.82
C TYR B 87 -8.74 21.91 14.10
N LYS B 88 -8.48 23.21 14.22
CA LYS B 88 -9.56 24.18 14.40
C LYS B 88 -10.57 24.08 13.26
N GLU B 89 -10.07 23.96 12.03
CA GLU B 89 -10.94 23.81 10.88
C GLU B 89 -11.42 22.38 10.70
N HIS B 90 -10.56 21.41 11.02
CA HIS B 90 -10.88 20.00 10.81
C HIS B 90 -12.06 19.57 11.69
N PHE B 91 -12.06 20.03 12.94
CA PHE B 91 -13.10 19.65 13.90
C PHE B 91 -14.19 20.72 13.99
N GLN B 92 -13.97 21.87 13.35
CA GLN B 92 -14.87 23.02 13.48
C GLN B 92 -15.00 23.39 14.95
N ASP B 93 -13.89 23.30 15.67
CA ASP B 93 -13.85 23.56 17.10
C ASP B 93 -12.41 23.49 17.60
N ASP B 94 -12.18 24.04 18.78
CA ASP B 94 -10.83 23.98 19.37
C ASP B 94 -10.76 22.91 20.44
N VAL B 95 -10.23 21.75 20.08
CA VAL B 95 -10.09 20.64 20.99
C VAL B 95 -8.62 20.22 21.11
N PHE B 96 -7.76 20.83 20.31
CA PHE B 96 -6.33 20.46 20.28
C PHE B 96 -5.55 20.77 21.58
N ASN B 97 -4.80 19.78 22.06
CA ASN B 97 -4.02 19.91 23.30
C ASN B 97 -2.73 20.75 23.15
N GLU B 98 -2.89 22.06 22.96
CA GLU B 98 -1.75 22.96 22.79
C GLU B 98 -0.80 22.95 23.99
N LYS B 99 -1.36 23.00 25.19
CA LYS B 99 -0.58 23.02 26.42
C LYS B 99 0.27 21.76 26.62
N GLY B 100 -0.31 20.59 26.33
CA GLY B 100 0.41 19.34 26.45
C GLY B 100 1.61 19.25 25.52
N TRP B 101 1.44 19.69 24.28
CA TRP B 101 2.54 19.66 23.32
C TRP B 101 3.59 20.73 23.64
N ASN B 102 3.11 21.88 24.12
CA ASN B 102 4.02 22.92 24.61
C ASN B 102 4.89 22.45 25.79
N TYR B 103 4.28 21.68 26.69
CA TYR B 103 4.99 21.10 27.82
C TYR B 103 6.18 20.26 27.35
N ILE B 104 5.97 19.44 26.32
CA ILE B 104 7.05 18.62 25.77
C ILE B 104 8.15 19.48 25.15
N LEU B 105 7.73 20.51 24.42
CA LEU B 105 8.66 21.46 23.83
C LEU B 105 9.51 22.17 24.90
N GLU B 106 8.87 22.66 25.94
CA GLU B 106 9.58 23.43 26.98
C GLU B 106 10.39 22.57 27.95
N LYS B 107 9.84 21.45 28.40
CA LYS B 107 10.54 20.61 29.37
C LYS B 107 11.64 19.74 28.74
N TYR B 108 11.36 19.20 27.55
CA TYR B 108 12.22 18.17 26.95
C TYR B 108 12.85 18.59 25.64
N ASP B 109 12.80 19.89 25.33
CA ASP B 109 13.26 20.42 24.06
C ASP B 109 12.69 19.64 22.87
N GLY B 110 11.41 19.31 22.94
CA GLY B 110 10.70 18.66 21.85
C GLY B 110 10.96 17.17 21.66
N HIS B 111 11.68 16.57 22.61
CA HIS B 111 11.97 15.14 22.57
C HIS B 111 10.88 14.37 23.30
N LEU B 112 10.37 13.31 22.67
CA LEU B 112 9.25 12.54 23.23
C LEU B 112 9.60 11.76 24.50
N PRO B 113 8.89 12.06 25.61
CA PRO B 113 9.09 11.30 26.85
C PRO B 113 8.35 9.97 26.82
N ILE B 114 8.92 9.03 26.07
CA ILE B 114 8.33 7.73 25.76
C ILE B 114 9.43 6.68 25.85
N GLU B 115 9.09 5.50 26.39
CA GLU B 115 10.00 4.36 26.35
C GLU B 115 9.35 3.26 25.53
N ILE B 116 10.12 2.72 24.58
CA ILE B 116 9.66 1.62 23.75
C ILE B 116 10.61 0.44 23.92
N LYS B 117 10.07 -0.73 24.22
CA LYS B 117 10.86 -1.96 24.29
C LYS B 117 10.41 -2.89 23.18
N ALA B 118 11.36 -3.62 22.58
CA ALA B 118 11.02 -4.44 21.42
C ALA B 118 11.88 -5.70 21.28
N VAL B 119 11.31 -6.72 20.63
CA VAL B 119 12.07 -7.92 20.26
C VAL B 119 13.11 -7.52 19.18
N PRO B 120 14.29 -8.18 19.14
CA PRO B 120 15.28 -7.81 18.11
C PRO B 120 14.75 -7.96 16.69
N GLU B 121 15.10 -7.03 15.80
CA GLU B 121 14.60 -7.07 14.44
C GLU B 121 15.18 -8.27 13.72
N GLY B 122 14.35 -8.92 12.92
CA GLY B 122 14.75 -10.14 12.25
C GLY B 122 14.26 -11.38 12.98
N PHE B 123 13.98 -11.24 14.28
CA PHE B 123 13.48 -12.35 15.08
C PHE B 123 12.20 -12.94 14.47
N VAL B 124 12.11 -14.26 14.48
CA VAL B 124 10.95 -14.97 13.97
C VAL B 124 10.15 -15.47 15.17
N ILE B 125 8.97 -14.90 15.38
CA ILE B 125 8.20 -15.12 16.61
C ILE B 125 6.81 -15.64 16.28
N PRO B 126 6.37 -16.68 17.00
CA PRO B 126 5.01 -17.19 16.82
C PRO B 126 3.93 -16.13 17.08
N ARG B 127 2.81 -16.25 16.38
CA ARG B 127 1.66 -15.37 16.59
C ARG B 127 1.25 -15.31 18.06
N GLY B 128 0.72 -14.15 18.47
CA GLY B 128 0.13 -13.99 19.79
C GLY B 128 1.12 -13.58 20.85
N ASN B 129 2.31 -13.17 20.44
CA ASN B 129 3.34 -12.74 21.37
C ASN B 129 3.53 -11.24 21.36
N VAL B 130 3.88 -10.67 22.51
CA VAL B 130 4.24 -9.26 22.54
C VAL B 130 5.50 -9.02 21.69
N LEU B 131 5.45 -8.02 20.82
CA LEU B 131 6.56 -7.67 19.93
C LEU B 131 7.20 -6.34 20.30
N PHE B 132 6.36 -5.36 20.65
CA PHE B 132 6.89 -4.17 21.31
C PHE B 132 5.90 -3.56 22.29
N THR B 133 6.42 -2.78 23.23
CA THR B 133 5.59 -2.09 24.22
C THR B 133 5.95 -0.60 24.22
N VAL B 134 4.98 0.22 24.60
CA VAL B 134 5.14 1.67 24.61
C VAL B 134 4.58 2.26 25.90
N GLU B 135 5.33 3.16 26.54
CA GLU B 135 4.80 3.85 27.71
C GLU B 135 5.40 5.24 27.86
N ASN B 136 4.64 6.15 28.46
CA ASN B 136 5.14 7.49 28.77
C ASN B 136 6.05 7.47 29.99
N THR B 137 7.10 8.29 29.95
CA THR B 137 8.06 8.38 31.06
C THR B 137 7.87 9.63 31.91
N ASP B 138 6.97 10.51 31.48
CA ASP B 138 6.56 11.66 32.28
C ASP B 138 5.07 11.53 32.51
N PRO B 139 4.61 11.65 33.77
CA PRO B 139 3.18 11.54 34.07
C PRO B 139 2.30 12.55 33.35
N GLU B 140 2.86 13.71 33.01
CA GLU B 140 2.09 14.70 32.26
C GLU B 140 1.77 14.19 30.86
N CYS B 141 2.54 13.22 30.39
CA CYS B 141 2.41 12.80 29.00
C CYS B 141 1.73 11.44 28.83
N TYR B 142 0.76 11.15 29.70
CA TYR B 142 -0.04 9.93 29.64
C TYR B 142 -0.75 9.76 28.29
N TRP B 143 -1.14 10.87 27.67
CA TRP B 143 -1.88 10.86 26.40
C TRP B 143 -0.97 10.56 25.20
N LEU B 144 0.34 10.60 25.42
CA LEU B 144 1.29 10.52 24.33
C LEU B 144 1.42 9.08 23.80
N THR B 145 1.26 8.12 24.70
CA THR B 145 1.44 6.71 24.35
C THR B 145 0.60 6.31 23.15
N ASN B 146 -0.70 6.60 23.22
CA ASN B 146 -1.57 6.24 22.12
C ASN B 146 -1.71 7.27 21.00
N TRP B 147 -1.17 8.47 21.21
CA TRP B 147 -1.10 9.44 20.13
C TRP B 147 -0.29 8.83 18.99
N ILE B 148 0.80 8.15 19.36
CA ILE B 148 1.71 7.55 18.39
C ILE B 148 1.33 6.14 17.96
N GLU B 149 0.13 5.68 18.32
CA GLU B 149 -0.32 4.37 17.85
C GLU B 149 -0.27 4.32 16.32
N THR B 150 -0.84 5.31 15.68
CA THR B 150 -1.01 5.28 14.23
C THR B 150 0.28 5.07 13.45
N ILE B 151 1.31 5.86 13.77
CA ILE B 151 2.58 5.68 13.06
C ILE B 151 3.30 4.38 13.43
N LEU B 152 3.19 3.93 14.67
CA LEU B 152 3.85 2.69 15.06
C LEU B 152 3.17 1.49 14.44
N VAL B 153 1.86 1.56 14.27
CA VAL B 153 1.12 0.43 13.78
C VAL B 153 1.41 0.18 12.31
N GLN B 154 1.82 1.23 11.61
CA GLN B 154 2.26 1.04 10.22
C GLN B 154 3.45 0.07 10.08
N SER B 155 4.02 -0.35 11.20
CA SER B 155 5.05 -1.37 11.15
C SER B 155 4.47 -2.70 10.66
N TRP B 156 3.14 -2.81 10.63
CA TRP B 156 2.47 -4.01 10.12
C TRP B 156 2.98 -4.32 8.73
N TYR B 157 3.25 -3.26 7.97
CA TYR B 157 3.60 -3.44 6.56
C TYR B 157 4.96 -4.12 6.34
N PRO B 158 6.06 -3.54 6.85
CA PRO B 158 7.32 -4.29 6.71
C PRO B 158 7.28 -5.65 7.39
N ILE B 159 6.57 -5.78 8.49
CA ILE B 159 6.45 -7.09 9.13
C ILE B 159 5.79 -8.09 8.19
N THR B 160 4.71 -7.67 7.56
CA THR B 160 3.92 -8.57 6.73
C THR B 160 4.64 -8.89 5.42
N VAL B 161 5.28 -7.89 4.83
CA VAL B 161 6.07 -8.17 3.63
C VAL B 161 7.19 -9.15 3.94
N ALA B 162 7.93 -8.89 5.01
CA ALA B 162 9.06 -9.75 5.36
C ALA B 162 8.59 -11.17 5.65
N THR B 163 7.47 -11.29 6.34
CA THR B 163 6.93 -12.59 6.72
C THR B 163 6.44 -13.39 5.52
N ASN B 164 5.67 -12.74 4.65
CA ASN B 164 5.14 -13.40 3.45
C ASN B 164 6.27 -13.76 2.47
N SER B 165 7.26 -12.89 2.36
CA SER B 165 8.44 -13.17 1.55
C SER B 165 9.19 -14.40 2.11
N ARG B 166 9.36 -14.47 3.42
CA ARG B 166 10.02 -15.64 4.04
C ARG B 166 9.24 -16.95 3.85
N GLU B 167 7.91 -16.89 3.96
CA GLU B 167 7.09 -18.06 3.69
C GLU B 167 7.28 -18.56 2.26
N GLN B 168 7.47 -17.63 1.32
CA GLN B 168 7.72 -18.08 -0.06
C GLN B 168 9.10 -18.72 -0.22
N LYS B 169 10.07 -18.20 0.52
CA LYS B 169 11.40 -18.79 0.56
C LYS B 169 11.36 -20.23 1.09
N LYS B 170 10.49 -20.48 2.07
CA LYS B 170 10.33 -21.81 2.66
C LYS B 170 9.87 -22.81 1.61
N ILE B 171 8.89 -22.40 0.82
CA ILE B 171 8.37 -23.24 -0.27
C ILE B 171 9.48 -23.50 -1.29
N LEU B 172 10.15 -22.43 -1.70
CA LEU B 172 11.22 -22.56 -2.69
C LEU B 172 12.33 -23.49 -2.19
N ALA B 173 12.67 -23.34 -0.91
CA ALA B 173 13.73 -24.15 -0.32
C ALA B 173 13.36 -25.63 -0.34
N LYS B 174 12.15 -25.94 0.13
CA LYS B 174 11.65 -27.32 0.14
C LYS B 174 11.77 -28.00 -1.23
N TYR B 175 11.30 -27.33 -2.26
CA TYR B 175 11.29 -27.93 -3.60
C TYR B 175 12.66 -27.89 -4.30
N LEU B 176 13.43 -26.85 -4.04
CA LEU B 176 14.79 -26.81 -4.62
C LEU B 176 15.61 -27.95 -4.02
N LEU B 177 15.50 -28.14 -2.71
CA LEU B 177 16.25 -29.19 -2.05
C LEU B 177 15.81 -30.56 -2.54
N GLU B 178 14.50 -30.73 -2.69
CA GLU B 178 13.92 -31.98 -3.12
C GLU B 178 14.36 -32.35 -4.54
N THR B 179 14.32 -31.37 -5.44
CA THR B 179 14.59 -31.69 -6.84
C THR B 179 16.05 -31.56 -7.25
N SER B 180 16.90 -30.96 -6.41
CA SER B 180 18.30 -30.76 -6.78
C SER B 180 19.34 -31.27 -5.77
N GLY B 181 18.94 -31.45 -4.52
CA GLY B 181 19.87 -31.91 -3.50
C GLY B 181 20.60 -30.81 -2.74
N ASN B 182 20.36 -29.56 -3.11
CA ASN B 182 20.97 -28.44 -2.39
C ASN B 182 20.14 -27.15 -2.46
N LEU B 183 20.67 -26.08 -1.88
CA LEU B 183 19.99 -24.79 -1.83
C LEU B 183 20.74 -23.69 -2.58
N ASP B 184 21.66 -24.08 -3.47
CA ASP B 184 22.44 -23.10 -4.23
C ASP B 184 21.55 -22.11 -4.96
N GLY B 185 21.78 -20.82 -4.71
CA GLY B 185 21.09 -19.77 -5.42
C GLY B 185 19.67 -19.50 -4.94
N LEU B 186 19.30 -20.06 -3.80
CA LEU B 186 17.96 -19.89 -3.25
C LEU B 186 17.63 -18.41 -3.08
N GLU B 187 18.62 -17.63 -2.68
CA GLU B 187 18.37 -16.23 -2.33
C GLU B 187 18.14 -15.36 -3.57
N TYR B 188 18.22 -15.94 -4.76
CA TYR B 188 17.91 -15.23 -6.01
C TYR B 188 16.69 -15.81 -6.73
N LYS B 189 15.90 -16.63 -6.04
CA LYS B 189 14.79 -17.34 -6.68
C LYS B 189 13.46 -16.58 -6.68
N LEU B 190 13.42 -15.47 -5.96
CA LEU B 190 12.22 -14.63 -5.93
C LEU B 190 12.62 -13.17 -6.01
N HIS B 191 12.42 -12.58 -7.19
CA HIS B 191 12.85 -11.22 -7.50
C HIS B 191 11.68 -10.24 -7.29
N ASP B 192 11.97 -9.09 -6.68
CA ASP B 192 10.95 -8.07 -6.43
C ASP B 192 10.71 -7.22 -7.69
N PHE B 193 9.53 -7.37 -8.28
CA PHE B 193 9.11 -6.57 -9.43
C PHE B 193 8.04 -5.54 -9.07
N GLY B 194 7.92 -5.19 -7.79
CA GLY B 194 6.76 -4.45 -7.31
C GLY B 194 6.74 -2.93 -7.34
N TYR B 195 7.81 -2.31 -7.84
CA TYR B 195 7.93 -0.86 -7.80
C TYR B 195 6.68 -0.12 -8.36
N ARG B 196 6.23 -0.50 -9.56
CA ARG B 196 5.13 0.20 -10.20
C ARG B 196 3.79 -0.16 -9.58
N GLY B 197 3.73 -1.28 -8.86
CA GLY B 197 2.47 -1.80 -8.34
C GLY B 197 2.18 -1.50 -6.88
N VAL B 198 3.02 -0.68 -6.24
CA VAL B 198 2.75 -0.25 -4.88
C VAL B 198 2.13 1.13 -4.88
N SER B 199 1.72 1.59 -3.69
CA SER B 199 0.87 2.77 -3.59
C SER B 199 1.63 4.08 -3.52
N SER B 200 2.95 4.02 -3.30
CA SER B 200 3.77 5.22 -3.26
C SER B 200 5.26 4.93 -3.29
N GLN B 201 6.04 5.99 -3.44
CA GLN B 201 7.50 5.90 -3.38
C GLN B 201 7.98 5.44 -2.01
N GLU B 202 7.37 5.97 -0.96
CA GLU B 202 7.80 5.58 0.38
C GLU B 202 7.51 4.10 0.62
N THR B 203 6.30 3.68 0.27
CA THR B 203 5.94 2.27 0.36
C THR B 203 6.90 1.36 -0.42
N ALA B 204 7.31 1.81 -1.61
CA ALA B 204 8.25 1.04 -2.41
C ALA B 204 9.55 0.76 -1.65
N GLY B 205 10.14 1.79 -1.06
CA GLY B 205 11.40 1.63 -0.34
C GLY B 205 11.25 0.71 0.86
N ILE B 206 10.17 0.89 1.63
CA ILE B 206 9.93 0.07 2.82
C ILE B 206 9.74 -1.41 2.45
N GLY B 207 8.83 -1.65 1.50
CA GLY B 207 8.47 -3.00 1.08
C GLY B 207 9.63 -3.75 0.45
N ALA B 208 10.38 -3.09 -0.42
CA ALA B 208 11.54 -3.69 -1.05
C ALA B 208 12.59 -4.07 0.00
N SER B 209 12.81 -3.19 0.99
CA SER B 209 13.75 -3.51 2.07
C SER B 209 13.33 -4.76 2.85
N ALA B 210 12.02 -4.90 3.08
CA ALA B 210 11.48 -6.06 3.80
C ALA B 210 11.71 -7.35 3.04
N HIS B 211 11.56 -7.29 1.72
CA HIS B 211 11.79 -8.45 0.88
C HIS B 211 13.26 -8.86 0.92
N LEU B 212 14.14 -7.86 0.97
CA LEU B 212 15.59 -8.11 1.00
C LEU B 212 16.05 -8.71 2.31
N VAL B 213 15.16 -8.79 3.29
CA VAL B 213 15.46 -9.55 4.50
C VAL B 213 15.73 -11.02 4.13
N ASN B 214 15.05 -11.49 3.08
CA ASN B 214 15.07 -12.90 2.72
C ASN B 214 15.75 -13.23 1.39
N PHE B 215 15.73 -12.28 0.48
CA PHE B 215 16.28 -12.48 -0.86
C PHE B 215 17.25 -11.36 -1.25
N LYS B 216 17.92 -11.52 -2.39
CA LYS B 216 18.90 -10.54 -2.84
C LYS B 216 18.57 -9.89 -4.18
N GLY B 217 17.50 -10.36 -4.83
CA GLY B 217 17.11 -9.82 -6.13
C GLY B 217 15.97 -8.80 -6.05
N THR B 218 16.23 -7.60 -6.57
CA THR B 218 15.20 -6.55 -6.58
C THR B 218 15.39 -5.56 -7.72
N ASP B 219 14.28 -5.09 -8.30
CA ASP B 219 14.30 -4.00 -9.27
C ASP B 219 13.77 -2.73 -8.62
N THR B 220 13.29 -2.87 -7.38
CA THR B 220 12.75 -1.72 -6.66
C THR B 220 13.92 -0.99 -6.00
N VAL B 221 14.54 -0.11 -6.78
CA VAL B 221 15.77 0.59 -6.41
C VAL B 221 15.65 1.34 -5.07
N ALA B 222 14.45 1.82 -4.76
CA ALA B 222 14.20 2.62 -3.56
C ALA B 222 14.59 1.88 -2.26
N GLY B 223 14.62 0.55 -2.32
CA GLY B 223 14.95 -0.23 -1.13
C GLY B 223 16.41 -0.12 -0.70
N LEU B 224 17.29 0.11 -1.68
CA LEU B 224 18.72 0.12 -1.39
C LEU B 224 19.10 1.27 -0.45
N ALA B 225 18.63 2.47 -0.78
CA ALA B 225 18.98 3.66 -0.02
C ALA B 225 18.39 3.62 1.38
N LEU B 226 17.20 3.04 1.51
CA LEU B 226 16.57 2.88 2.83
C LEU B 226 17.44 2.04 3.78
N ILE B 227 17.85 0.87 3.30
CA ILE B 227 18.67 -0.04 4.11
C ILE B 227 20.00 0.64 4.48
N LYS B 228 20.59 1.33 3.52
CA LYS B 228 21.89 1.99 3.74
C LYS B 228 21.78 3.07 4.81
N LYS B 229 20.67 3.82 4.81
CA LYS B 229 20.50 4.93 5.75
C LYS B 229 20.11 4.48 7.16
N TYR B 230 19.21 3.50 7.23
CA TYR B 230 18.58 3.13 8.50
C TYR B 230 19.09 1.85 9.14
N TYR B 231 19.70 0.97 8.36
CA TYR B 231 20.14 -0.33 8.88
C TYR B 231 21.63 -0.61 8.65
N GLY B 232 22.06 -0.54 7.40
CA GLY B 232 23.44 -0.74 7.04
C GLY B 232 23.82 -2.18 6.74
N THR B 233 24.68 -2.37 5.73
CA THR B 233 25.21 -3.70 5.39
C THR B 233 26.71 -3.61 5.16
N LYS B 234 27.41 -4.72 5.36
CA LYS B 234 28.85 -4.74 5.11
C LYS B 234 29.10 -4.50 3.63
N ASP B 235 28.38 -5.24 2.79
CA ASP B 235 28.44 -5.06 1.33
C ASP B 235 27.93 -3.69 0.87
N PRO B 236 28.47 -3.20 -0.26
CA PRO B 236 28.09 -1.91 -0.82
C PRO B 236 26.57 -1.74 -1.02
N VAL B 237 25.90 -2.75 -1.58
CA VAL B 237 24.43 -2.75 -1.70
C VAL B 237 23.83 -4.05 -1.18
N PRO B 238 22.57 -4.01 -0.71
CA PRO B 238 21.93 -5.23 -0.20
C PRO B 238 21.21 -6.02 -1.30
N GLY B 239 21.05 -5.46 -2.49
CA GLY B 239 20.28 -6.14 -3.52
C GLY B 239 20.76 -5.89 -4.93
N TYR B 240 20.39 -6.78 -5.85
CA TYR B 240 20.99 -6.78 -7.19
C TYR B 240 19.99 -7.01 -8.30
N SER B 241 20.39 -6.64 -9.52
CA SER B 241 19.56 -6.91 -10.68
C SER B 241 20.42 -7.29 -11.88
N VAL B 242 19.76 -7.59 -13.00
CA VAL B 242 20.44 -7.97 -14.24
C VAL B 242 19.72 -7.28 -15.39
N PRO B 243 20.42 -7.11 -16.54
CA PRO B 243 19.74 -6.51 -17.69
C PRO B 243 18.54 -7.35 -18.10
N ALA B 244 17.47 -6.67 -18.49
CA ALA B 244 16.25 -7.35 -18.86
C ALA B 244 15.47 -6.48 -19.84
N ALA B 245 14.79 -7.10 -20.79
CA ALA B 245 13.90 -6.36 -21.68
C ALA B 245 12.52 -6.12 -21.06
N GLU B 246 11.76 -5.22 -21.67
CA GLU B 246 10.35 -5.05 -21.35
C GLU B 246 9.62 -5.10 -22.68
N HIS B 247 8.30 -5.07 -22.67
CA HIS B 247 7.58 -5.15 -23.94
C HIS B 247 7.93 -4.02 -24.89
N SER B 248 8.15 -2.82 -24.34
CA SER B 248 8.48 -1.70 -25.22
C SER B 248 9.79 -1.89 -26.01
N THR B 249 10.81 -2.52 -25.44
CA THR B 249 12.06 -2.71 -26.18
C THR B 249 12.02 -3.88 -27.18
N ILE B 250 11.01 -4.73 -27.08
CA ILE B 250 10.81 -5.76 -28.09
C ILE B 250 9.85 -5.24 -29.17
N THR B 251 8.69 -4.77 -28.75
CA THR B 251 7.66 -4.39 -29.72
C THR B 251 8.05 -3.16 -30.54
N ALA B 252 8.94 -2.30 -30.01
CA ALA B 252 9.39 -1.12 -30.75
C ALA B 252 10.03 -1.45 -32.09
N TRP B 253 10.51 -2.68 -32.24
CA TRP B 253 11.18 -3.11 -33.47
C TRP B 253 10.20 -3.43 -34.58
N GLY B 254 8.92 -3.53 -34.22
CA GLY B 254 7.88 -3.88 -35.17
C GLY B 254 7.52 -5.35 -35.05
N LYS B 255 6.26 -5.65 -35.38
CA LYS B 255 5.69 -6.98 -35.21
C LYS B 255 6.40 -8.07 -36.03
N ASP B 256 6.99 -7.67 -37.15
CA ASP B 256 7.68 -8.63 -38.02
C ASP B 256 9.16 -8.76 -37.67
N HIS B 257 9.60 -8.11 -36.59
CA HIS B 257 11.02 -8.03 -36.29
C HIS B 257 11.36 -8.44 -34.86
N GLU B 258 10.59 -9.37 -34.32
CA GLU B 258 10.81 -9.81 -32.96
C GLU B 258 12.19 -10.46 -32.83
N LYS B 259 12.53 -11.27 -33.83
CA LYS B 259 13.84 -11.91 -33.88
C LYS B 259 14.97 -10.89 -33.88
N ASP B 260 14.79 -9.81 -34.63
CA ASP B 260 15.82 -8.77 -34.69
C ASP B 260 16.07 -8.12 -33.31
N ALA B 261 14.99 -7.89 -32.58
CA ALA B 261 15.05 -7.33 -31.24
C ALA B 261 15.80 -8.29 -30.34
N PHE B 262 15.38 -9.56 -30.34
CA PHE B 262 16.04 -10.59 -29.55
C PHE B 262 17.56 -10.64 -29.82
N GLU B 263 17.94 -10.69 -31.09
CA GLU B 263 19.36 -10.80 -31.45
C GLU B 263 20.18 -9.61 -30.94
N HIS B 264 19.63 -8.42 -31.12
CA HIS B 264 20.27 -7.17 -30.67
C HIS B 264 20.47 -7.18 -29.16
N ILE B 265 19.42 -7.54 -28.44
CA ILE B 265 19.48 -7.53 -26.99
C ILE B 265 20.48 -8.53 -26.42
N VAL B 266 20.45 -9.78 -26.90
CA VAL B 266 21.36 -10.78 -26.35
C VAL B 266 22.82 -10.54 -26.79
N THR B 267 23.01 -9.84 -27.90
CA THR B 267 24.34 -9.46 -28.37
C THR B 267 24.89 -8.24 -27.60
N GLN B 268 24.01 -7.31 -27.25
CA GLN B 268 24.40 -6.19 -26.39
C GLN B 268 24.83 -6.67 -25.01
N PHE B 269 24.11 -7.67 -24.49
CA PHE B 269 24.42 -8.22 -23.17
C PHE B 269 24.89 -9.66 -23.29
N SER B 270 26.03 -9.84 -23.96
CA SER B 270 26.51 -11.17 -24.31
C SER B 270 27.30 -11.84 -23.19
N SER B 271 27.82 -11.05 -22.25
CA SER B 271 28.66 -11.61 -21.18
C SER B 271 28.13 -11.38 -19.77
N VAL B 272 26.88 -10.94 -19.65
CA VAL B 272 26.20 -10.88 -18.37
C VAL B 272 24.87 -11.60 -18.55
N PRO B 273 24.23 -12.04 -17.45
CA PRO B 273 22.92 -12.69 -17.62
C PRO B 273 21.93 -11.69 -18.19
N VAL B 274 21.00 -12.16 -19.02
CA VAL B 274 20.02 -11.24 -19.60
C VAL B 274 18.65 -11.89 -19.67
N SER B 275 17.65 -11.17 -19.18
CA SER B 275 16.27 -11.62 -19.20
C SER B 275 15.56 -11.02 -20.40
N VAL B 276 14.85 -11.84 -21.16
CA VAL B 276 14.15 -11.35 -22.35
C VAL B 276 12.69 -11.81 -22.39
N VAL B 277 11.79 -10.86 -22.19
CA VAL B 277 10.37 -11.16 -22.25
C VAL B 277 10.02 -11.67 -23.66
N SER B 278 9.36 -12.82 -23.72
CA SER B 278 9.23 -13.54 -24.99
C SER B 278 7.78 -13.77 -25.45
N ASP B 279 6.83 -13.11 -24.80
CA ASP B 279 5.41 -13.38 -25.04
C ASP B 279 4.68 -12.24 -25.76
N SER B 280 5.42 -11.29 -26.32
CA SER B 280 4.81 -10.13 -26.97
C SER B 280 3.74 -10.52 -28.01
N TYR B 281 3.99 -11.60 -28.73
CA TYR B 281 3.07 -12.05 -29.78
C TYR B 281 2.69 -13.53 -29.62
N ASP B 282 3.68 -14.38 -29.42
CA ASP B 282 3.45 -15.82 -29.28
C ASP B 282 4.64 -16.47 -28.59
N ILE B 283 4.50 -16.65 -27.28
CA ILE B 283 5.54 -17.20 -26.43
C ILE B 283 6.04 -18.56 -26.93
N TYR B 284 5.12 -19.40 -27.40
CA TYR B 284 5.49 -20.76 -27.77
C TYR B 284 6.28 -20.78 -29.07
N ASN B 285 5.91 -19.91 -30.00
CA ASN B 285 6.69 -19.70 -31.22
C ASN B 285 8.07 -19.13 -30.92
N ALA B 286 8.11 -18.13 -30.04
CA ALA B 286 9.36 -17.52 -29.66
C ALA B 286 10.33 -18.57 -29.11
N CYS B 287 9.83 -19.46 -28.25
CA CYS B 287 10.69 -20.45 -27.64
C CYS B 287 11.15 -21.50 -28.64
N GLU B 288 10.21 -21.96 -29.47
CA GLU B 288 10.51 -23.10 -30.32
C GLU B 288 11.22 -22.69 -31.61
N LYS B 289 10.82 -21.57 -32.17
CA LYS B 289 11.33 -21.18 -33.50
C LYS B 289 12.39 -20.10 -33.44
N ILE B 290 12.15 -19.06 -32.65
CA ILE B 290 13.13 -17.97 -32.60
C ILE B 290 14.31 -18.34 -31.73
N TRP B 291 14.07 -18.62 -30.45
CA TRP B 291 15.17 -19.02 -29.58
C TRP B 291 15.69 -20.40 -29.93
N GLY B 292 14.76 -21.32 -30.17
CA GLY B 292 15.07 -22.73 -30.35
C GLY B 292 15.66 -23.09 -31.69
N GLU B 293 15.53 -22.19 -32.67
CA GLU B 293 16.03 -22.47 -34.02
C GLU B 293 16.84 -21.31 -34.59
N ASP B 294 16.19 -20.16 -34.82
CA ASP B 294 16.81 -19.04 -35.55
C ASP B 294 17.99 -18.42 -34.82
N LEU B 295 17.90 -18.33 -33.50
CA LEU B 295 18.93 -17.68 -32.72
C LEU B 295 19.64 -18.66 -31.80
N ARG B 296 19.43 -19.96 -32.02
CA ARG B 296 19.98 -20.99 -31.13
C ARG B 296 21.50 -20.89 -31.00
N HIS B 297 22.18 -20.60 -32.12
CA HIS B 297 23.64 -20.46 -32.13
C HIS B 297 24.13 -19.34 -31.20
N LEU B 298 23.26 -18.38 -30.88
CA LEU B 298 23.65 -17.28 -30.00
C LEU B 298 23.43 -17.62 -28.53
N ILE B 299 22.73 -18.71 -28.27
CA ILE B 299 22.39 -19.07 -26.91
C ILE B 299 23.35 -20.14 -26.39
N VAL B 300 23.65 -21.14 -27.23
CA VAL B 300 24.47 -22.26 -26.79
C VAL B 300 25.94 -21.84 -26.61
N SER B 301 26.28 -20.68 -27.12
CA SER B 301 27.64 -20.15 -26.95
C SER B 301 27.80 -19.36 -25.65
N ARG B 302 26.72 -19.14 -24.91
CA ARG B 302 26.81 -18.31 -23.71
C ARG B 302 27.43 -19.00 -22.51
N SER B 303 27.93 -18.20 -21.58
CA SER B 303 28.62 -18.71 -20.41
C SER B 303 27.64 -19.04 -19.29
N THR B 304 28.04 -19.94 -18.40
CA THR B 304 27.24 -20.33 -17.26
C THR B 304 26.97 -19.14 -16.33
N GLN B 305 27.86 -18.16 -16.37
CA GLN B 305 27.72 -16.96 -15.57
C GLN B 305 26.84 -15.92 -16.26
N ALA B 306 26.48 -16.18 -17.52
CA ALA B 306 25.70 -15.21 -18.30
C ALA B 306 24.59 -15.87 -19.11
N PRO B 307 23.68 -16.59 -18.43
CA PRO B 307 22.65 -17.30 -19.18
C PRO B 307 21.63 -16.37 -19.83
N LEU B 308 21.01 -16.83 -20.91
CA LEU B 308 19.75 -16.23 -21.35
C LEU B 308 18.64 -16.69 -20.42
N ILE B 309 17.85 -15.74 -19.94
CA ILE B 309 16.73 -16.09 -19.10
C ILE B 309 15.44 -15.73 -19.84
N ILE B 310 14.75 -16.75 -20.33
CA ILE B 310 13.53 -16.55 -21.09
C ILE B 310 12.39 -16.24 -20.14
N ARG B 311 11.64 -15.19 -20.45
CA ARG B 311 10.56 -14.75 -19.60
C ARG B 311 9.18 -14.79 -20.26
N PRO B 312 8.39 -15.83 -19.95
CA PRO B 312 6.96 -15.77 -20.28
C PRO B 312 6.32 -14.72 -19.38
N ASP B 313 5.18 -14.16 -19.80
CA ASP B 313 4.56 -13.08 -19.01
C ASP B 313 3.03 -13.06 -19.12
N SER B 314 2.46 -14.17 -19.58
CA SER B 314 1.00 -14.24 -19.74
C SER B 314 0.51 -15.67 -19.84
N GLY B 315 -0.80 -15.84 -19.77
CA GLY B 315 -1.39 -17.18 -19.75
C GLY B 315 -1.47 -17.74 -18.34
N ASN B 316 -2.05 -18.93 -18.21
CA ASN B 316 -2.05 -19.63 -16.93
C ASN B 316 -0.62 -19.88 -16.54
N PRO B 317 -0.20 -19.39 -15.36
CA PRO B 317 1.22 -19.46 -14.98
C PRO B 317 1.78 -20.87 -15.00
N LEU B 318 1.16 -21.80 -14.29
CA LEU B 318 1.63 -23.19 -14.30
C LEU B 318 1.67 -23.80 -15.70
N ASP B 319 0.55 -23.74 -16.43
CA ASP B 319 0.48 -24.35 -17.76
C ASP B 319 1.55 -23.77 -18.68
N THR B 320 1.75 -22.45 -18.60
CA THR B 320 2.69 -21.79 -19.49
C THR B 320 4.12 -22.18 -19.15
N VAL B 321 4.44 -22.24 -17.86
CA VAL B 321 5.77 -22.69 -17.44
C VAL B 321 6.08 -24.10 -17.93
N LEU B 322 5.14 -25.03 -17.73
CA LEU B 322 5.34 -26.42 -18.14
C LEU B 322 5.53 -26.57 -19.65
N LYS B 323 4.75 -25.82 -20.42
CA LYS B 323 4.83 -25.89 -21.87
C LYS B 323 6.12 -25.25 -22.39
N VAL B 324 6.50 -24.11 -21.80
CA VAL B 324 7.78 -23.49 -22.13
C VAL B 324 8.95 -24.47 -21.86
N LEU B 325 8.93 -25.11 -20.70
CA LEU B 325 9.98 -26.10 -20.37
C LEU B 325 9.99 -27.27 -21.36
N GLU B 326 8.82 -27.83 -21.68
CA GLU B 326 8.77 -28.94 -22.65
C GLU B 326 9.31 -28.52 -24.01
N ILE B 327 8.96 -27.31 -24.44
CA ILE B 327 9.49 -26.79 -25.70
C ILE B 327 11.03 -26.70 -25.67
N LEU B 328 11.57 -26.07 -24.64
CA LEU B 328 13.01 -25.85 -24.57
C LEU B 328 13.72 -27.18 -24.43
N GLY B 329 13.11 -28.10 -23.68
CA GLY B 329 13.70 -29.40 -23.46
C GLY B 329 13.91 -30.18 -24.75
N LYS B 330 13.12 -29.87 -25.77
CA LYS B 330 13.27 -30.55 -27.06
C LYS B 330 14.20 -29.81 -28.03
N LYS B 331 14.48 -28.54 -27.78
CA LYS B 331 15.37 -27.79 -28.66
C LYS B 331 16.81 -27.68 -28.11
N PHE B 332 16.96 -27.92 -26.82
CA PHE B 332 18.26 -27.76 -26.14
C PHE B 332 18.62 -29.04 -25.39
N PRO B 333 19.93 -29.27 -25.16
CA PRO B 333 20.34 -30.56 -24.61
C PRO B 333 20.13 -30.69 -23.09
N VAL B 334 19.12 -31.45 -22.71
CA VAL B 334 18.74 -31.59 -21.31
C VAL B 334 19.52 -32.70 -20.63
N THR B 335 19.87 -32.48 -19.38
CA THR B 335 20.52 -33.50 -18.59
C THR B 335 19.59 -33.94 -17.46
N GLU B 336 20.04 -34.93 -16.71
CA GLU B 336 19.30 -35.40 -15.55
C GLU B 336 20.23 -35.30 -14.36
N ASN B 337 19.85 -34.46 -13.38
CA ASN B 337 20.70 -34.24 -12.23
C ASN B 337 20.73 -35.48 -11.33
N SER B 338 21.46 -35.41 -10.22
CA SER B 338 21.65 -36.60 -9.40
C SER B 338 20.38 -37.04 -8.68
N LYS B 339 19.38 -36.17 -8.64
CA LYS B 339 18.12 -36.51 -7.98
C LYS B 339 17.11 -37.10 -8.96
N GLY B 340 17.49 -37.15 -10.24
CA GLY B 340 16.64 -37.70 -11.28
C GLY B 340 15.74 -36.69 -11.98
N TYR B 341 15.95 -35.41 -11.70
CA TYR B 341 15.15 -34.35 -12.32
C TYR B 341 15.86 -33.75 -13.52
N LYS B 342 15.07 -33.23 -14.46
CA LYS B 342 15.58 -32.68 -15.70
C LYS B 342 16.13 -31.28 -15.51
N LEU B 343 17.23 -30.99 -16.19
CA LEU B 343 17.93 -29.74 -16.04
C LEU B 343 18.32 -29.18 -17.39
N LEU B 344 17.93 -27.95 -17.66
CA LEU B 344 18.33 -27.26 -18.90
C LEU B 344 19.82 -27.01 -18.83
N PRO B 345 20.47 -26.83 -20.00
CA PRO B 345 21.89 -26.44 -19.97
C PRO B 345 22.08 -25.12 -19.20
N PRO B 346 23.27 -24.92 -18.62
CA PRO B 346 23.47 -23.81 -17.69
C PRO B 346 23.41 -22.42 -18.33
N TYR B 347 23.45 -22.35 -19.65
CA TYR B 347 23.31 -21.07 -20.35
C TYR B 347 21.85 -20.67 -20.61
N LEU B 348 20.91 -21.45 -20.10
CA LEU B 348 19.50 -21.20 -20.40
C LEU B 348 18.62 -21.42 -19.17
N ARG B 349 17.89 -20.38 -18.79
CA ARG B 349 17.00 -20.41 -17.64
C ARG B 349 15.67 -19.74 -17.95
N VAL B 350 14.70 -19.91 -17.05
CA VAL B 350 13.37 -19.33 -17.22
C VAL B 350 13.04 -18.47 -16.01
N ILE B 351 12.36 -17.36 -16.21
CA ILE B 351 11.80 -16.63 -15.09
C ILE B 351 10.31 -16.40 -15.35
N GLN B 352 9.49 -16.73 -14.35
CA GLN B 352 8.05 -16.49 -14.45
C GLN B 352 7.74 -15.32 -13.56
N GLY B 353 7.36 -14.19 -14.16
CA GLY B 353 7.12 -12.99 -13.39
C GLY B 353 5.73 -12.40 -13.52
N ASP B 354 4.75 -13.25 -13.83
CA ASP B 354 3.35 -12.83 -13.97
C ASP B 354 2.44 -13.75 -13.16
N GLY B 355 1.55 -13.15 -12.37
CA GLY B 355 0.58 -13.89 -11.58
C GLY B 355 1.18 -14.64 -10.40
N VAL B 356 2.35 -14.23 -9.94
CA VAL B 356 3.02 -14.95 -8.86
C VAL B 356 2.70 -14.37 -7.48
N ASP B 357 2.08 -15.19 -6.65
CA ASP B 357 1.92 -14.91 -5.23
C ASP B 357 2.15 -16.21 -4.47
N ILE B 358 2.04 -16.18 -3.15
CA ILE B 358 2.41 -17.35 -2.36
C ILE B 358 1.63 -18.61 -2.78
N ASN B 359 0.42 -18.43 -3.29
CA ASN B 359 -0.41 -19.57 -3.69
C ASN B 359 0.00 -20.16 -5.04
N THR B 360 0.17 -19.30 -6.03
CA THR B 360 0.51 -19.77 -7.35
C THR B 360 1.97 -20.24 -7.40
N LEU B 361 2.81 -19.67 -6.54
CA LEU B 361 4.21 -20.09 -6.45
C LEU B 361 4.27 -21.56 -6.06
N GLN B 362 3.50 -21.90 -5.02
CA GLN B 362 3.35 -23.28 -4.57
C GLN B 362 2.85 -24.19 -5.69
N GLU B 363 1.85 -23.75 -6.44
CA GLU B 363 1.26 -24.59 -7.49
C GLU B 363 2.25 -24.82 -8.63
N ILE B 364 3.06 -23.81 -8.94
CA ILE B 364 4.03 -23.95 -10.03
C ILE B 364 5.13 -24.95 -9.69
N VAL B 365 5.72 -24.83 -8.50
CA VAL B 365 6.85 -25.68 -8.14
C VAL B 365 6.42 -27.14 -7.97
N GLU B 366 5.22 -27.35 -7.43
CA GLU B 366 4.67 -28.69 -7.31
C GLU B 366 4.40 -29.28 -8.68
N GLY B 367 3.89 -28.46 -9.59
CA GLY B 367 3.58 -28.92 -10.94
C GLY B 367 4.85 -29.25 -11.69
N MET B 368 5.89 -28.47 -11.48
CA MET B 368 7.19 -28.76 -12.07
C MET B 368 7.75 -30.07 -11.54
N LYS B 369 7.62 -30.28 -10.24
CA LYS B 369 8.13 -31.49 -9.61
C LYS B 369 7.41 -32.72 -10.17
N GLN B 370 6.11 -32.58 -10.40
CA GLN B 370 5.28 -33.66 -10.93
C GLN B 370 5.72 -34.06 -12.32
N LYS B 371 6.17 -33.06 -13.09
CA LYS B 371 6.64 -33.30 -14.45
C LYS B 371 8.16 -33.51 -14.51
N MET B 372 8.78 -33.76 -13.37
CA MET B 372 10.21 -34.07 -13.29
C MET B 372 11.16 -32.94 -13.75
N TRP B 373 10.74 -31.71 -13.57
CA TRP B 373 11.60 -30.56 -13.83
C TRP B 373 12.22 -30.03 -12.53
N SER B 374 13.55 -29.92 -12.50
CA SER B 374 14.22 -29.34 -11.34
C SER B 374 13.85 -27.87 -11.13
N ILE B 375 13.72 -27.46 -9.87
CA ILE B 375 13.50 -26.05 -9.53
C ILE B 375 14.77 -25.22 -9.87
N GLU B 376 15.89 -25.89 -10.13
CA GLU B 376 17.09 -25.20 -10.63
C GLU B 376 16.82 -24.40 -11.91
N ASN B 377 15.86 -24.86 -12.71
CA ASN B 377 15.58 -24.28 -14.01
C ASN B 377 14.92 -22.91 -13.99
N ILE B 378 14.28 -22.59 -12.88
CA ILE B 378 13.35 -21.46 -12.87
C ILE B 378 13.63 -20.52 -11.73
N ALA B 379 13.29 -19.25 -11.94
CA ALA B 379 13.23 -18.27 -10.88
C ALA B 379 11.89 -17.57 -11.00
N PHE B 380 11.50 -16.82 -9.98
CA PHE B 380 10.21 -16.15 -9.99
C PHE B 380 10.39 -14.65 -9.75
N GLY B 381 9.48 -13.87 -10.32
CA GLY B 381 9.39 -12.46 -10.02
C GLY B 381 7.99 -12.19 -9.51
N SER B 382 7.85 -11.27 -8.58
CA SER B 382 6.52 -10.98 -8.04
C SER B 382 6.46 -9.49 -7.77
N GLY B 383 5.36 -8.86 -8.11
CA GLY B 383 5.19 -7.43 -7.92
C GLY B 383 4.07 -7.12 -6.93
N GLY B 384 2.84 -7.00 -7.45
CA GLY B 384 1.69 -6.69 -6.60
C GLY B 384 1.53 -7.73 -5.49
N GLY B 385 1.68 -9.00 -5.85
CA GLY B 385 1.56 -10.07 -4.88
C GLY B 385 2.57 -9.98 -3.74
N LEU B 386 3.76 -9.47 -4.04
CA LEU B 386 4.83 -9.40 -3.06
C LEU B 386 4.72 -8.17 -2.16
N LEU B 387 4.34 -7.04 -2.75
CA LEU B 387 4.46 -5.76 -2.07
C LEU B 387 3.15 -5.01 -1.82
N GLN B 388 2.08 -5.38 -2.51
CA GLN B 388 0.85 -4.60 -2.41
C GLN B 388 -0.38 -5.38 -1.93
N LYS B 389 -0.47 -6.65 -2.33
CA LYS B 389 -1.64 -7.48 -1.99
C LYS B 389 -1.54 -8.08 -0.57
N LEU B 390 -1.46 -7.19 0.41
CA LEU B 390 -1.29 -7.56 1.80
C LEU B 390 -2.00 -6.49 2.62
N THR B 391 -2.58 -6.88 3.75
CA THR B 391 -3.25 -5.94 4.63
C THR B 391 -2.88 -6.19 6.08
N ARG B 392 -3.29 -5.29 6.95
CA ARG B 392 -2.99 -5.39 8.37
C ARG B 392 -3.75 -6.58 8.96
N ASP B 393 -4.82 -6.99 8.28
CA ASP B 393 -5.65 -8.11 8.73
C ASP B 393 -4.98 -9.48 8.55
N LEU B 394 -3.96 -9.55 7.70
CA LEU B 394 -3.36 -10.83 7.38
C LEU B 394 -2.72 -11.49 8.61
N LEU B 395 -1.97 -10.72 9.38
CA LEU B 395 -1.35 -11.22 10.63
C LEU B 395 -2.04 -10.65 11.88
N ASN B 396 -3.12 -9.92 11.67
CA ASN B 396 -3.82 -9.23 12.75
C ASN B 396 -2.89 -8.38 13.62
N CYS B 397 -2.11 -7.53 12.97
CA CYS B 397 -1.21 -6.61 13.65
C CYS B 397 -2.05 -5.58 14.37
N SER B 398 -1.79 -5.37 15.65
CA SER B 398 -2.70 -4.63 16.49
C SER B 398 -2.00 -4.01 17.71
N PHE B 399 -2.43 -2.80 18.09
CA PHE B 399 -1.83 -2.04 19.19
C PHE B 399 -2.95 -1.79 20.19
N LYS B 400 -2.73 -2.16 21.45
CA LYS B 400 -3.76 -1.99 22.48
C LYS B 400 -3.16 -1.58 23.81
N CYS B 401 -3.92 -0.80 24.58
CA CYS B 401 -3.52 -0.46 25.95
C CYS B 401 -3.77 -1.68 26.85
N SER B 402 -2.78 -2.03 27.68
CA SER B 402 -2.93 -3.15 28.63
C SER B 402 -2.79 -2.76 30.11
N TYR B 403 -2.30 -1.55 30.37
CA TYR B 403 -2.00 -1.16 31.75
C TYR B 403 -2.05 0.35 31.90
N VAL B 404 -2.68 0.82 32.97
CA VAL B 404 -2.71 2.25 33.28
C VAL B 404 -2.46 2.44 34.77
N VAL B 405 -2.05 3.64 35.15
CA VAL B 405 -1.92 4.00 36.55
C VAL B 405 -2.80 5.24 36.71
N THR B 406 -3.76 5.16 37.63
CA THR B 406 -4.67 6.27 37.89
C THR B 406 -4.77 6.43 39.40
N ASN B 407 -4.69 7.66 39.89
CA ASN B 407 -4.64 7.91 41.32
C ASN B 407 -3.57 7.07 42.01
N GLY B 408 -2.45 6.88 41.32
CA GLY B 408 -1.31 6.14 41.87
C GLY B 408 -1.47 4.63 41.90
N LEU B 409 -2.59 4.11 41.41
CA LEU B 409 -2.81 2.67 41.40
C LEU B 409 -2.80 2.11 39.98
N GLY B 410 -2.00 1.08 39.78
CA GLY B 410 -1.95 0.41 38.48
C GLY B 410 -3.12 -0.54 38.32
N ILE B 411 -3.74 -0.52 37.15
CA ILE B 411 -4.78 -1.51 36.84
C ILE B 411 -4.54 -2.19 35.48
N ASN B 412 -4.84 -3.48 35.43
CA ASN B 412 -4.70 -4.25 34.19
C ASN B 412 -5.94 -4.08 33.34
N VAL B 413 -5.78 -3.54 32.14
CA VAL B 413 -6.91 -3.28 31.27
C VAL B 413 -6.84 -4.07 29.98
N PHE B 414 -7.99 -4.26 29.34
CA PHE B 414 -8.06 -5.10 28.15
C PHE B 414 -9.44 -4.92 27.51
N LYS B 415 -9.56 -5.35 26.26
CA LYS B 415 -10.87 -5.49 25.62
C LYS B 415 -11.17 -6.99 25.50
N ASP B 416 -12.44 -7.34 25.47
CA ASP B 416 -12.83 -8.75 25.36
C ASP B 416 -14.23 -8.86 24.76
N PRO B 417 -14.38 -8.52 23.47
CA PRO B 417 -15.71 -8.40 22.84
C PRO B 417 -16.47 -9.72 22.83
N VAL B 418 -17.74 -9.69 23.19
CA VAL B 418 -18.52 -10.90 23.38
C VAL B 418 -18.64 -11.72 22.10
N ALA B 419 -18.71 -11.06 20.95
CA ALA B 419 -18.97 -11.77 19.71
C ALA B 419 -17.69 -12.13 18.95
N ASP B 420 -16.53 -11.86 19.53
CA ASP B 420 -15.28 -12.24 18.89
C ASP B 420 -14.13 -12.42 19.88
N PRO B 421 -13.97 -13.65 20.38
CA PRO B 421 -12.89 -14.04 21.29
C PRO B 421 -11.51 -13.84 20.67
N ASN B 422 -11.45 -13.84 19.34
CA ASN B 422 -10.20 -13.56 18.65
C ASN B 422 -9.69 -12.15 18.86
N LYS B 423 -10.57 -11.25 19.27
CA LYS B 423 -10.18 -9.85 19.50
C LYS B 423 -9.82 -9.51 20.95
N ARG B 424 -9.84 -10.50 21.84
CA ARG B 424 -9.48 -10.25 23.23
C ARG B 424 -8.01 -9.81 23.31
N SER B 425 -7.74 -8.77 24.10
CA SER B 425 -6.37 -8.29 24.24
C SER B 425 -5.74 -8.72 25.56
N LYS B 426 -4.42 -8.57 25.66
CA LYS B 426 -3.67 -9.05 26.82
C LYS B 426 -3.79 -8.08 28.00
N LYS B 427 -3.57 -8.60 29.21
CA LYS B 427 -3.78 -7.80 30.42
C LYS B 427 -2.50 -7.42 31.14
N GLY B 428 -2.32 -6.13 31.40
CA GLY B 428 -1.30 -5.69 32.33
C GLY B 428 0.06 -5.51 31.72
N ARG B 429 1.07 -5.45 32.58
CA ARG B 429 2.45 -5.32 32.13
C ARG B 429 2.94 -6.63 31.51
N LEU B 430 3.56 -6.53 30.35
CA LEU B 430 3.94 -7.72 29.59
C LEU B 430 5.44 -7.91 29.48
N SER B 431 5.84 -9.16 29.30
CA SER B 431 7.24 -9.48 29.04
C SER B 431 7.32 -10.75 28.19
N LEU B 432 8.44 -10.88 27.47
CA LEU B 432 8.64 -12.01 26.55
C LEU B 432 9.74 -12.90 27.10
N HIS B 433 9.51 -14.20 27.14
CA HIS B 433 10.44 -15.13 27.77
C HIS B 433 10.69 -16.40 26.99
N ARG B 434 11.83 -17.03 27.29
N ARG B 434 11.79 -17.06 27.33
CA ARG B 434 12.11 -18.38 26.83
CA ARG B 434 12.12 -18.37 26.80
C ARG B 434 11.44 -19.34 27.78
C ARG B 434 11.59 -19.43 27.75
N THR B 435 10.80 -20.37 27.22
CA THR B 435 10.23 -21.45 28.00
C THR B 435 11.30 -22.51 28.24
N PRO B 436 11.05 -23.47 29.15
CA PRO B 436 12.02 -24.56 29.37
C PRO B 436 12.36 -25.36 28.11
N ALA B 437 11.42 -25.46 27.16
CA ALA B 437 11.71 -26.18 25.92
C ALA B 437 12.35 -25.28 24.86
N GLY B 438 12.57 -24.00 25.20
CA GLY B 438 13.26 -23.09 24.28
C GLY B 438 12.36 -22.29 23.35
N ASN B 439 11.06 -22.28 23.63
CA ASN B 439 10.11 -21.52 22.82
C ASN B 439 9.83 -20.15 23.43
N PHE B 440 8.97 -19.37 22.78
CA PHE B 440 8.57 -18.07 23.30
C PHE B 440 7.28 -18.13 24.10
N VAL B 441 7.21 -17.33 25.16
CA VAL B 441 5.95 -17.15 25.90
C VAL B 441 5.83 -15.69 26.31
N THR B 442 4.63 -15.13 26.18
CA THR B 442 4.37 -13.79 26.67
C THR B 442 3.66 -13.84 28.02
N LEU B 443 4.31 -13.30 29.05
CA LEU B 443 3.73 -13.26 30.38
C LEU B 443 2.92 -11.97 30.56
N GLU B 444 1.74 -12.09 31.15
CA GLU B 444 0.88 -10.93 31.40
C GLU B 444 0.83 -10.59 32.88
N GLU B 445 0.17 -9.48 33.20
CA GLU B 445 -0.09 -9.07 34.58
C GLU B 445 1.18 -8.89 35.39
N GLY B 446 2.24 -8.48 34.72
CA GLY B 446 3.52 -8.26 35.36
C GLY B 446 4.19 -9.52 35.90
N LYS B 447 3.67 -10.68 35.53
CA LYS B 447 4.17 -11.96 36.05
C LYS B 447 5.64 -12.21 35.73
N GLY B 448 6.17 -11.56 34.70
CA GLY B 448 7.59 -11.62 34.42
C GLY B 448 8.45 -11.24 35.63
N ASP B 449 7.91 -10.36 36.47
CA ASP B 449 8.64 -9.89 37.66
C ASP B 449 8.79 -10.98 38.72
N LEU B 450 7.98 -12.02 38.63
CA LEU B 450 8.09 -13.17 39.53
C LEU B 450 9.41 -13.92 39.30
N GLU B 451 10.02 -13.67 38.14
CA GLU B 451 11.31 -14.26 37.77
C GLU B 451 11.37 -15.79 37.76
N GLU B 452 10.27 -16.42 37.34
CA GLU B 452 10.22 -17.86 37.20
C GLU B 452 10.60 -18.26 35.77
N TYR B 453 10.68 -17.27 34.89
CA TYR B 453 10.91 -17.52 33.48
C TYR B 453 12.15 -16.80 32.96
N GLY B 454 13.05 -16.42 33.85
CA GLY B 454 14.27 -15.76 33.45
C GLY B 454 14.07 -14.34 32.92
N GLN B 455 14.99 -13.89 32.08
CA GLN B 455 15.00 -12.50 31.64
C GLN B 455 14.01 -12.16 30.53
N ASP B 456 13.52 -10.93 30.56
CA ASP B 456 12.68 -10.36 29.51
C ASP B 456 13.51 -10.26 28.23
N LEU B 457 12.97 -10.77 27.13
CA LEU B 457 13.68 -10.83 25.85
C LEU B 457 13.52 -9.55 25.03
N LEU B 458 12.59 -8.68 25.43
CA LEU B 458 12.49 -7.37 24.83
C LEU B 458 13.63 -6.48 25.31
N HIS B 459 14.05 -5.55 24.45
CA HIS B 459 15.10 -4.59 24.77
C HIS B 459 14.56 -3.17 24.63
N THR B 460 15.01 -2.25 25.48
CA THR B 460 14.72 -0.84 25.26
C THR B 460 15.37 -0.38 23.97
N VAL B 461 14.56 0.06 23.01
CA VAL B 461 15.05 0.53 21.72
C VAL B 461 14.89 2.04 21.53
N PHE B 462 14.06 2.65 22.36
CA PHE B 462 13.81 4.08 22.28
C PHE B 462 13.50 4.59 23.69
N LYS B 463 14.13 5.69 24.08
CA LYS B 463 13.84 6.28 25.38
C LYS B 463 14.12 7.78 25.36
N ASN B 464 13.08 8.57 25.60
CA ASN B 464 13.20 10.00 25.71
C ASN B 464 13.85 10.68 24.50
N GLY B 465 13.41 10.29 23.31
CA GLY B 465 13.85 10.93 22.09
C GLY B 465 15.10 10.34 21.48
N LYS B 466 15.65 9.33 22.13
CA LYS B 466 16.88 8.72 21.65
C LYS B 466 16.69 7.25 21.29
N VAL B 467 17.29 6.83 20.19
CA VAL B 467 17.38 5.42 19.84
C VAL B 467 18.48 4.79 20.71
N THR B 468 18.11 3.76 21.47
CA THR B 468 19.00 3.20 22.48
C THR B 468 19.56 1.83 22.13
N LYS B 469 19.01 1.22 21.09
CA LYS B 469 19.48 -0.09 20.64
C LYS B 469 19.11 -0.26 19.16
N SER B 470 20.08 -0.68 18.35
CA SER B 470 19.92 -0.75 16.90
C SER B 470 20.48 -2.06 16.35
N TYR B 471 20.02 -2.45 15.16
CA TYR B 471 20.48 -3.66 14.51
C TYR B 471 20.88 -3.39 13.07
N SER B 472 21.98 -3.98 12.62
CA SER B 472 22.37 -3.82 11.23
C SER B 472 21.53 -4.75 10.35
N PHE B 473 21.51 -4.47 9.04
CA PHE B 473 20.73 -5.30 8.14
C PHE B 473 21.33 -6.72 8.06
N ASP B 474 22.62 -6.83 8.34
CA ASP B 474 23.27 -8.14 8.32
C ASP B 474 22.77 -8.99 9.49
N GLU B 475 22.61 -8.36 10.66
CA GLU B 475 22.12 -9.05 11.86
C GLU B 475 20.67 -9.52 11.65
N ILE B 476 19.88 -8.64 11.05
CA ILE B 476 18.48 -8.93 10.77
C ILE B 476 18.32 -10.14 9.85
N ARG B 477 19.11 -10.19 8.78
CA ARG B 477 19.09 -11.32 7.86
C ARG B 477 19.45 -12.62 8.57
N LYS B 478 20.46 -12.54 9.42
CA LYS B 478 20.90 -13.71 10.20
C LYS B 478 19.76 -14.20 11.09
N ASN B 479 19.08 -13.25 11.75
CA ASN B 479 17.99 -13.61 12.65
C ASN B 479 16.81 -14.23 11.88
N ALA B 480 16.64 -13.82 10.63
CA ALA B 480 15.48 -14.21 9.83
C ALA B 480 15.66 -15.51 9.04
N GLN B 481 16.82 -16.15 9.18
CA GLN B 481 17.14 -17.37 8.43
C GLN B 481 16.15 -18.52 8.65
N LEU B 482 16.02 -19.36 7.63
CA LEU B 482 15.15 -20.53 7.69
C LEU B 482 15.83 -21.62 8.50
N ASN B 483 15.05 -22.47 9.16
CA ASN B 483 15.61 -23.63 9.85
C ASN B 483 16.38 -24.55 8.90
N ILE B 484 15.89 -24.68 7.67
CA ILE B 484 16.57 -25.55 6.69
C ILE B 484 17.96 -25.02 6.32
N GLU B 485 18.10 -23.70 6.18
CA GLU B 485 19.39 -23.08 5.97
C GLU B 485 20.26 -23.28 7.22
N LEU B 486 19.66 -23.01 8.38
CA LEU B 486 20.35 -23.14 9.66
C LEU B 486 20.93 -24.53 9.90
N GLU B 487 20.27 -25.55 9.39
CA GLU B 487 20.85 -26.90 9.40
C GLU B 487 22.14 -26.82 8.59
N ALA B 488 23.18 -26.31 9.26
CA ALA B 488 24.42 -25.79 8.68
C ALA B 488 24.61 -25.93 7.17
C1 20J C . -14.01 10.02 14.36
C2 20J C . -13.78 8.53 14.38
N3 20J C . -12.57 8.11 14.17
C4 20J C . -12.08 6.85 14.11
C5 20J C . -10.79 6.60 13.60
C6 20J C . -10.31 5.31 13.55
C7 20J C . -11.10 4.25 13.98
C8 20J C . -12.37 4.48 14.47
C9 20J C . -12.85 5.77 14.53
S10 20J C . -14.47 6.13 15.16
O11 20J C . -15.37 5.29 14.47
O12 20J C . -14.33 6.18 16.57
N13 20J C . -14.83 7.68 14.64
CL1 20J C . -10.47 2.63 13.90
C1 20J D . -24.15 11.11 12.63
C2 20J D . -22.75 11.25 12.07
N3 20J D . -22.27 12.44 11.98
C4 20J D . -21.06 12.83 11.49
C5 20J D . -20.75 14.20 11.36
C6 20J D . -19.52 14.59 10.85
C7 20J D . -18.57 13.65 10.46
C8 20J D . -18.87 12.30 10.59
C9 20J D . -20.10 11.89 11.09
S10 20J D . -20.47 10.17 11.24
O11 20J D . -20.44 9.64 9.92
O12 20J D . -19.69 9.66 12.32
N13 20J D . -22.10 10.09 11.71
CL1 20J D . -17.02 14.16 9.83
P PO4 E . 0.40 -5.20 -17.07
O1 PO4 E . -0.99 -5.73 -16.87
O2 PO4 E . 0.38 -3.69 -17.04
O3 PO4 E . 0.94 -5.60 -18.42
O4 PO4 E . 1.29 -5.70 -15.96
P PO4 F . -10.31 -2.18 9.04
O1 PO4 F . -10.84 -0.87 9.56
O2 PO4 F . -11.37 -2.86 8.21
O3 PO4 F . -9.08 -1.93 8.19
O4 PO4 F . -9.94 -3.06 10.21
C1 EDO G . -16.54 14.50 -16.22
O1 EDO G . -16.72 13.19 -15.67
C2 EDO G . -17.62 14.80 -17.25
O2 EDO G . -17.53 13.86 -18.33
C1 20J H . 15.65 -7.62 -14.12
C2 20J H . 14.17 -7.78 -14.35
N3 20J H . 13.42 -6.78 -14.05
C4 20J H . 12.06 -6.65 -14.13
C5 20J H . 11.41 -5.61 -13.47
C6 20J H . 10.04 -5.49 -13.54
C7 20J H . 9.31 -6.42 -14.28
C8 20J H . 9.95 -7.45 -14.95
C9 20J H . 11.31 -7.57 -14.86
S10 20J H . 12.20 -8.87 -15.69
O11 20J H . 11.57 -10.10 -15.35
O12 20J H . 12.40 -8.44 -17.02
N13 20J H . 13.68 -8.94 -14.90
CL1 20J H . 7.59 -6.24 -14.38
C1 20J I . 19.22 -17.22 -13.98
C2 20J I . 18.88 -16.00 -13.15
N3 20J I . 19.87 -15.30 -12.71
C4 20J I . 19.85 -14.17 -11.96
C5 20J I . 21.03 -13.60 -11.49
C6 20J I . 20.99 -12.45 -10.73
C7 20J I . 19.77 -11.85 -10.41
C8 20J I . 18.59 -12.41 -10.87
C9 20J I . 18.62 -13.55 -11.63
S10 20J I . 17.11 -14.27 -12.22
O11 20J I . 16.38 -14.57 -11.04
O12 20J I . 16.63 -13.42 -13.26
N13 20J I . 17.55 -15.74 -12.92
CL1 20J I . 19.71 -10.41 -9.44
P PO4 J . -7.80 -4.39 15.40
O1 PO4 J . -8.05 -3.99 16.83
O2 PO4 J . -8.86 -5.37 14.94
O3 PO4 J . -7.89 -3.14 14.57
O4 PO4 J . -6.45 -5.04 15.25
P PO4 K . 2.60 -9.23 -10.55
O1 PO4 K . 2.23 -7.77 -10.39
O2 PO4 K . 2.60 -9.90 -9.19
O3 PO4 K . 1.60 -9.92 -11.46
O4 PO4 K . 3.98 -9.32 -11.16
C1 EDO L . 0.60 -16.67 23.48
O1 EDO L . -0.37 -16.18 24.40
C2 EDO L . 1.95 -16.06 23.82
O2 EDO L . 2.50 -16.68 24.97
#